data_8SFI
#
_entry.id   8SFI
#
_cell.length_a   1.00
_cell.length_b   1.00
_cell.length_c   1.00
_cell.angle_alpha   90.00
_cell.angle_beta   90.00
_cell.angle_gamma   90.00
#
_symmetry.space_group_name_H-M   'P 1'
#
loop_
_entity.id
_entity.type
_entity.pdbx_description
1 polymer 'CRISPR-associated endonuclease Cas12a'
2 polymer 'RNA (28-MER)'
3 polymer "DNA (5'-D(P*CP*TP*TP*AP*TP*CP*AP*CP*TP*AP*AP*AP*AP*GP*AP*TP*CP*GP*GP*AP*AP*G)-3')"
4 polymer "DNA (5'-D(P*CP*TP*TP*CP*CP*GP*AP*TP*CP*TP*TP*TP*TP*AP*GP*TP*GP*AP*TP*A)-3')"
#
loop_
_entity_poly.entity_id
_entity_poly.type
_entity_poly.pdbx_seq_one_letter_code
_entity_poly.pdbx_strand_id
1 'polypeptide(L)'
;GAASMTQFEGFTNLYQVSKTLRFELIPQGKTLKHIQEQGFIEEDKARNDHYKELKPIIDRIYKTYADQCLQLVQLDWENL
SAAIDSYRKEKTEETRNALIEEQATYRNAIHDYFIGRTDNLTDAINKRHAEIYKGLFKAELFNGKVLKQLGTVTTTEHEN
ALLRSFDKFTTYFSGFYENRKNVFSAEDISTAIPHRIVQDNFPKFKENCHIFTRLITAVPSLREHFENVKKAIGIFVSTS
IEEVFSFPFYNQLLTQTQIDLYNQLLGGISREAGTEKIKGLNEVLNLAIQKNDETAHIIASLPHRFIPLFKQILSDRNTL
SFILEEFKSDEEVIQSFCKYKTLLRNENVLETAEALFNELNSIDLTHIFISHKKLETISSALCDHWDTLRNALYERRISE
LTGKITKSAKEKVQRSLKHEDINLQEIISAAGKELSEAFKQKTSEILSHAHAALDQPLPTTLKKQEEKEILKSQLDSLLG
LYHLLDWFAVDESNEVDPEFSARLTGIKLEMEPSLSFYNKARNYATKKPYSVEKFKLNFQMPTLASGWDVNKEKNNGAIL
FVKNGLYYLGIMPKQKGRYKALSFEPTEKTSEGFDKMYYDYFPDAAKMIPKCSTQLKAVTAHFQTHTTPILLSNNFIEPL
EITKEIYDLNNPEKEPKKFQTAYAKKTGDQKGYREALCKWIDFTRDFLSKYTKTTSIDLSSLRPSSQYKDLGEYYAELNP
LLYHISFQRIAEKEIMDAVETGKLYLFQIYNKDFAKGHHGKPNLHTLYWTGLFSPENLAKTSIKLNGQAELFYRPKSRMK
RMAHRLGEKMLNKKLKDQKTPIPDTLYQELYDYVNHRLSHDLSDEARALLPNVITKEVSHEIIKDRRFTSDKFFFHVPIT
LNYQAANSPSKFNQRVNAYLKEHPETPIIGIDRGERNLIYITVIDSTGKILEQRSLNTIQQFDYQKKLDNREKERVAARQ
AWSVVGTIKDLKQGYLSQVIHEIVDLMIHYQAVVVLENLNFGFKSKRTGIAEKAVYQQFEKMLIDKLNCLVLKDYPAEKV
GGVLNPYQLTDQFTSFAKMGTQSGFLFYVPAPYTSKIDPLTGFVDPFVWKTIKNHESRKHFLEGFDFLHYDVKTGDFILH
FKMNRNLSFQRGLPGFMPAWDIVFEKNETQFDAKGTPFIAGKRIVPVIENHRFTGRYRDLYPANELIALLEEKGIVFRDG
SNILPKLLENDDSHAIDTMVALIRSVLQMRNSNAATGEDYINSPVRDLNGVCFDSRFQNPEWPMDADANGAYHIALKGQL
LLNHLKESKDLKLQNGISNQDWLAYIQELRN
;
A
2 'polyribonucleotide' UUUUUAAUUUCUACUCUUGUAGAUGUGAUAAGUGGAAUGCCAUGUGGA B
3 'polydeoxyribonucleotide'
;(DA)(DG)(DC)(DA)(DC)(DA)(DG)(DT)(DA)(DG)(DC)(DT)(DA)(DC)(DT)(DC)(DC)(DA)(DG)(DT)
(DA)(DC)(DC)(DG)(DT)(DA)(DA)(DG)(DG)(DT)(DC)(DT)(DT)(DA)(DT)(DC)(DA)(DC)(DT)(DA)
(DA)(DA)(DA)(DG)(DA)(DT)(DC)(DG)(DG)(DA)(DA)(DG)(DA)(DG)(DC)(DG)
;
C
4 'polydeoxyribonucleotide'
;(DC)(DG)(DC)(DT)(DC)(DT)(DT)(DC)(DC)(DG)(DA)(DT)(DC)(DT)(DT)(DT)(DT)(DA)(DG)(DT)
(DG)(DA)(DT)(DA)(DA)(DG)(DA)(DC)(DC)(DT)(DT)(DA)(DC)(DG)(DG)(DT)(DA)(DC)(DT)(DG)
(DG)(DA)(DG)(DT)(DA)(DG)(DC)(DT)(DA)(DC)(DT)(DG)(DT)(DG)(DC)(DT)
;
D
#
loop_
_chem_comp.id
_chem_comp.type
_chem_comp.name
_chem_comp.formula
A RNA linking ADENOSINE-5'-MONOPHOSPHATE 'C10 H14 N5 O7 P'
C RNA linking CYTIDINE-5'-MONOPHOSPHATE 'C9 H14 N3 O8 P'
DA DNA linking 2'-DEOXYADENOSINE-5'-MONOPHOSPHATE 'C10 H14 N5 O6 P'
DC DNA linking 2'-DEOXYCYTIDINE-5'-MONOPHOSPHATE 'C9 H14 N3 O7 P'
DG DNA linking 2'-DEOXYGUANOSINE-5'-MONOPHOSPHATE 'C10 H14 N5 O7 P'
DT DNA linking THYMIDINE-5'-MONOPHOSPHATE 'C10 H15 N2 O8 P'
G RNA linking GUANOSINE-5'-MONOPHOSPHATE 'C10 H14 N5 O8 P'
U RNA linking URIDINE-5'-MONOPHOSPHATE 'C9 H13 N2 O9 P'
#
# COMPACT_ATOMS: atom_id res chain seq x y z
N MET A 5 -28.32 -23.82 1.04
CA MET A 5 -27.85 -24.41 -0.22
C MET A 5 -27.33 -23.35 -1.17
N THR A 6 -26.05 -23.00 -1.02
CA THR A 6 -25.38 -22.01 -1.85
C THR A 6 -24.31 -22.70 -2.69
N GLN A 7 -24.49 -22.65 -4.01
CA GLN A 7 -23.51 -23.21 -4.92
C GLN A 7 -22.33 -22.25 -5.10
N PHE A 8 -21.19 -22.81 -5.48
CA PHE A 8 -20.02 -21.98 -5.79
C PHE A 8 -20.26 -21.12 -7.02
N GLU A 9 -21.09 -21.58 -7.96
CA GLU A 9 -21.41 -20.80 -9.13
C GLU A 9 -22.36 -19.64 -8.81
N GLY A 10 -22.96 -19.62 -7.62
CA GLY A 10 -23.81 -18.54 -7.18
C GLY A 10 -23.08 -17.36 -6.57
N PHE A 11 -21.75 -17.38 -6.58
CA PHE A 11 -20.95 -16.25 -6.09
C PHE A 11 -20.68 -15.24 -7.21
N THR A 12 -21.75 -14.81 -7.87
CA THR A 12 -21.67 -13.83 -8.93
C THR A 12 -22.85 -12.87 -8.81
N ASN A 13 -22.72 -11.72 -9.48
CA ASN A 13 -23.71 -10.65 -9.48
C ASN A 13 -24.00 -10.16 -8.07
N LEU A 14 -22.94 -9.76 -7.37
CA LEU A 14 -23.05 -9.30 -5.99
C LEU A 14 -22.88 -7.80 -5.82
N TYR A 15 -21.97 -7.18 -6.57
CA TYR A 15 -21.83 -5.73 -6.53
C TYR A 15 -21.25 -5.24 -7.84
N GLN A 16 -21.57 -3.99 -8.19
CA GLN A 16 -21.01 -3.38 -9.38
C GLN A 16 -19.51 -3.14 -9.21
N VAL A 17 -18.80 -3.15 -10.33
CA VAL A 17 -17.38 -2.80 -10.32
C VAL A 17 -17.09 -1.91 -11.52
N SER A 18 -16.44 -0.78 -11.28
CA SER A 18 -16.16 0.19 -12.32
C SER A 18 -14.77 -0.06 -12.90
N LYS A 19 -14.69 -0.22 -14.21
CA LYS A 19 -13.43 -0.40 -14.90
C LYS A 19 -13.31 0.67 -15.97
N THR A 20 -12.15 0.74 -16.62
CA THR A 20 -11.89 1.76 -17.63
C THR A 20 -11.06 1.16 -18.75
N LEU A 21 -11.58 1.24 -19.96
CA LEU A 21 -10.93 0.76 -21.16
C LEU A 21 -10.24 1.93 -21.86
N ARG A 22 -9.15 1.64 -22.56
CA ARG A 22 -8.47 2.66 -23.34
C ARG A 22 -8.13 2.10 -24.71
N PHE A 23 -8.28 2.94 -25.74
CA PHE A 23 -8.02 2.53 -27.12
C PHE A 23 -7.27 3.63 -27.85
N GLU A 24 -6.77 3.28 -29.03
CA GLU A 24 -6.13 4.21 -29.93
C GLU A 24 -7.10 4.58 -31.05
N LEU A 25 -7.13 5.86 -31.41
CA LEU A 25 -8.02 6.36 -32.45
C LEU A 25 -7.22 6.62 -33.72
N ILE A 26 -7.50 5.87 -34.79
CA ILE A 26 -6.97 6.26 -36.10
C ILE A 26 -7.92 7.29 -36.72
N PRO A 27 -7.41 8.43 -37.18
CA PRO A 27 -8.29 9.38 -37.87
C PRO A 27 -8.73 8.89 -39.23
N GLN A 28 -9.98 8.43 -39.31
CA GLN A 28 -10.52 7.91 -40.55
C GLN A 28 -10.81 9.05 -41.52
N GLY A 29 -10.78 8.72 -42.82
CA GLY A 29 -11.00 9.71 -43.85
C GLY A 29 -9.89 10.74 -43.87
N LYS A 30 -10.28 12.00 -44.02
CA LYS A 30 -9.35 13.12 -44.00
C LYS A 30 -9.61 14.04 -42.81
N THR A 31 -10.07 13.47 -41.70
CA THR A 31 -10.29 14.26 -40.48
C THR A 31 -8.98 14.72 -39.86
N LEU A 32 -7.88 14.00 -40.11
CA LEU A 32 -6.57 14.46 -39.66
C LEU A 32 -6.20 15.79 -40.33
N LYS A 33 -6.49 15.92 -41.62
CA LYS A 33 -6.18 17.16 -42.32
C LYS A 33 -7.06 18.29 -41.79
N HIS A 34 -8.33 17.99 -41.48
CA HIS A 34 -9.23 18.99 -40.92
C HIS A 34 -8.76 19.46 -39.53
N ILE A 35 -8.32 18.54 -38.69
CA ILE A 35 -7.84 18.89 -37.36
C ILE A 35 -6.55 19.71 -37.47
N GLN A 36 -5.66 19.32 -38.37
CA GLN A 36 -4.41 20.05 -38.57
C GLN A 36 -4.66 21.45 -39.12
N GLU A 37 -5.66 21.60 -39.99
CA GLU A 37 -5.96 22.91 -40.55
C GLU A 37 -6.62 23.82 -39.52
N GLN A 38 -7.56 23.29 -38.75
CA GLN A 38 -8.22 24.11 -37.74
C GLN A 38 -7.33 24.36 -36.54
N GLY A 39 -6.30 23.54 -36.34
CA GLY A 39 -5.36 23.75 -35.24
C GLY A 39 -5.93 23.55 -33.85
N PHE A 40 -6.69 22.48 -33.63
CA PHE A 40 -7.19 22.19 -32.29
C PHE A 40 -6.08 21.76 -31.35
N ILE A 41 -5.10 21.00 -31.84
CA ILE A 41 -4.14 20.34 -30.96
C ILE A 41 -3.19 21.35 -30.31
N GLU A 42 -2.76 22.36 -31.06
CA GLU A 42 -1.89 23.39 -30.49
C GLU A 42 -2.63 24.23 -29.46
N GLU A 43 -3.90 24.55 -29.75
CA GLU A 43 -4.72 25.30 -28.80
C GLU A 43 -4.95 24.51 -27.52
N ASP A 44 -5.21 23.21 -27.63
CA ASP A 44 -5.39 22.40 -26.42
C ASP A 44 -4.09 22.21 -25.65
N LYS A 45 -2.94 22.13 -26.35
CA LYS A 45 -1.67 22.09 -25.64
C LYS A 45 -1.41 23.37 -24.87
N ALA A 46 -1.66 24.52 -25.51
CA ALA A 46 -1.50 25.80 -24.83
C ALA A 46 -2.46 25.94 -23.67
N ARG A 47 -3.68 25.42 -23.81
CA ARG A 47 -4.65 25.49 -22.72
C ARG A 47 -4.29 24.55 -21.58
N ASN A 48 -3.71 23.38 -21.88
CA ASN A 48 -3.22 22.50 -20.83
C ASN A 48 -2.09 23.17 -20.06
N ASP A 49 -1.19 23.87 -20.78
CA ASP A 49 -0.15 24.65 -20.12
C ASP A 49 -0.75 25.74 -19.24
N HIS A 50 -1.79 26.42 -19.73
CA HIS A 50 -2.43 27.48 -18.94
C HIS A 50 -3.14 26.91 -17.71
N TYR A 51 -3.77 25.74 -17.84
CA TYR A 51 -4.41 25.09 -16.70
C TYR A 51 -3.38 24.70 -15.65
N LYS A 52 -2.24 24.15 -16.10
CA LYS A 52 -1.16 23.78 -15.19
C LYS A 52 -0.60 24.99 -14.46
N GLU A 53 -0.47 26.12 -15.17
CA GLU A 53 0.02 27.34 -14.54
C GLU A 53 -1.04 28.02 -13.68
N LEU A 54 -2.32 27.78 -13.95
CA LEU A 54 -3.41 28.45 -13.26
C LEU A 54 -3.83 27.72 -11.98
N LYS A 55 -3.56 26.42 -11.90
CA LYS A 55 -3.84 25.67 -10.67
C LYS A 55 -3.23 26.26 -9.40
N PRO A 56 -1.95 26.69 -9.36
CA PRO A 56 -1.43 27.27 -8.10
C PRO A 56 -2.09 28.58 -7.70
N ILE A 57 -2.63 29.36 -8.64
CA ILE A 57 -3.31 30.60 -8.25
C ILE A 57 -4.61 30.29 -7.52
N ILE A 58 -5.36 29.30 -8.01
CA ILE A 58 -6.58 28.86 -7.33
C ILE A 58 -6.23 28.25 -5.98
N ASP A 59 -5.11 27.52 -5.92
CA ASP A 59 -4.63 27.02 -4.63
C ASP A 59 -4.30 28.16 -3.69
N ARG A 60 -3.74 29.25 -4.21
CA ARG A 60 -3.37 30.40 -3.36
C ARG A 60 -4.60 31.08 -2.79
N ILE A 61 -5.63 31.30 -3.61
CA ILE A 61 -6.82 31.98 -3.08
C ILE A 61 -7.57 31.07 -2.10
N TYR A 62 -7.59 29.76 -2.37
CA TYR A 62 -8.16 28.82 -1.39
C TYR A 62 -7.37 28.84 -0.09
N LYS A 63 -6.03 28.91 -0.18
CA LYS A 63 -5.19 28.94 1.02
C LYS A 63 -5.45 30.19 1.85
N THR A 64 -5.53 31.35 1.21
CA THR A 64 -5.70 32.57 1.99
C THR A 64 -7.10 32.66 2.58
N TYR A 65 -8.13 32.15 1.89
CA TYR A 65 -9.45 32.11 2.52
C TYR A 65 -9.46 31.12 3.69
N ALA A 66 -8.80 29.97 3.53
CA ALA A 66 -8.75 29.00 4.62
C ALA A 66 -8.06 29.57 5.86
N ASP A 67 -6.95 30.28 5.66
CA ASP A 67 -6.25 30.89 6.78
C ASP A 67 -7.08 31.99 7.44
N GLN A 68 -7.71 32.86 6.62
CA GLN A 68 -8.50 33.95 7.17
C GLN A 68 -9.72 33.43 7.93
N CYS A 69 -10.34 32.35 7.44
CA CYS A 69 -11.50 31.80 8.12
C CYS A 69 -11.12 31.00 9.35
N LEU A 70 -9.98 30.31 9.33
CA LEU A 70 -9.55 29.53 10.48
C LEU A 70 -8.97 30.41 11.59
N GLN A 71 -8.56 31.63 11.27
CA GLN A 71 -8.07 32.51 12.34
C GLN A 71 -9.18 33.09 13.23
N LEU A 72 -10.46 32.75 13.09
CA LEU A 72 -11.51 33.40 13.88
C LEU A 72 -12.30 32.44 14.77
N VAL A 73 -11.88 31.18 14.87
CA VAL A 73 -12.64 30.18 15.61
C VAL A 73 -12.24 30.22 17.08
N GLN A 74 -13.24 30.21 17.96
CA GLN A 74 -13.07 30.20 19.40
C GLN A 74 -13.91 29.10 20.03
N LEU A 75 -13.80 27.90 19.46
CA LEU A 75 -14.55 26.75 19.95
C LEU A 75 -13.99 26.27 21.29
N ASP A 76 -14.82 25.54 22.04
CA ASP A 76 -14.45 25.01 23.33
C ASP A 76 -14.32 23.49 23.23
N TRP A 77 -13.32 22.93 23.92
CA TRP A 77 -12.82 21.60 23.56
C TRP A 77 -12.77 20.57 24.69
N GLU A 78 -13.41 20.81 25.83
CA GLU A 78 -13.33 19.83 26.90
C GLU A 78 -14.21 18.62 26.63
N ASN A 79 -15.29 18.82 25.87
CA ASN A 79 -16.31 17.79 25.68
C ASN A 79 -15.78 16.62 24.84
N LEU A 80 -15.09 16.92 23.75
CA LEU A 80 -14.57 15.82 22.92
C LEU A 80 -13.42 15.14 23.63
N SER A 81 -12.67 15.88 24.46
CA SER A 81 -11.65 15.27 25.31
C SER A 81 -12.27 14.29 26.30
N ALA A 82 -13.40 14.68 26.91
CA ALA A 82 -14.11 13.78 27.80
C ALA A 82 -14.63 12.56 27.06
N ALA A 83 -15.11 12.75 25.83
CA ALA A 83 -15.63 11.64 25.04
C ALA A 83 -14.53 10.65 24.67
N ILE A 84 -13.37 11.15 24.24
CA ILE A 84 -12.28 10.25 23.86
C ILE A 84 -11.69 9.58 25.11
N ASP A 85 -11.71 10.26 26.26
CA ASP A 85 -11.29 9.61 27.51
C ASP A 85 -12.25 8.52 27.91
N SER A 86 -13.56 8.74 27.73
CA SER A 86 -14.55 7.71 28.02
C SER A 86 -14.40 6.51 27.09
N TYR A 87 -14.08 6.76 25.82
CA TYR A 87 -13.77 5.65 24.92
C TYR A 87 -12.51 4.90 25.36
N ARG A 88 -11.49 5.64 25.81
CA ARG A 88 -10.25 4.99 26.21
C ARG A 88 -10.43 4.13 27.45
N LYS A 89 -11.29 4.58 28.37
CA LYS A 89 -11.49 3.83 29.62
C LYS A 89 -12.52 2.69 29.45
N GLU A 90 -13.57 2.89 28.64
CA GLU A 90 -14.61 1.87 28.54
C GLU A 90 -14.41 0.95 27.34
N LYS A 91 -14.15 1.52 26.16
CA LYS A 91 -14.02 0.77 24.89
C LYS A 91 -15.27 -0.03 24.56
N THR A 92 -16.45 0.53 24.87
CA THR A 92 -17.71 -0.08 24.50
C THR A 92 -18.29 0.61 23.27
N GLU A 93 -19.37 0.03 22.73
CA GLU A 93 -19.97 0.57 21.51
C GLU A 93 -20.75 1.85 21.77
N GLU A 94 -21.34 1.99 22.97
CA GLU A 94 -22.12 3.19 23.29
C GLU A 94 -21.23 4.43 23.34
N THR A 95 -20.11 4.34 24.06
CA THR A 95 -19.19 5.47 24.07
C THR A 95 -18.51 5.64 22.72
N ARG A 96 -18.41 4.57 21.91
CA ARG A 96 -17.85 4.69 20.58
C ARG A 96 -18.74 5.55 19.69
N ASN A 97 -20.05 5.28 19.70
CA ASN A 97 -20.95 6.11 18.89
C ASN A 97 -21.10 7.51 19.47
N ALA A 98 -20.97 7.64 20.79
CA ALA A 98 -20.95 8.97 21.40
C ALA A 98 -19.73 9.77 20.93
N LEU A 99 -18.56 9.13 20.88
CA LEU A 99 -17.36 9.80 20.37
C LEU A 99 -17.51 10.14 18.89
N ILE A 100 -18.12 9.25 18.10
CA ILE A 100 -18.32 9.50 16.69
C ILE A 100 -19.23 10.70 16.47
N GLU A 101 -20.35 10.78 17.21
CA GLU A 101 -21.25 11.91 17.04
C GLU A 101 -20.66 13.20 17.60
N GLU A 102 -19.81 13.11 18.63
CA GLU A 102 -19.13 14.29 19.14
C GLU A 102 -18.13 14.83 18.12
N GLN A 103 -17.38 13.94 17.46
CA GLN A 103 -16.48 14.36 16.40
C GLN A 103 -17.26 14.95 15.22
N ALA A 104 -18.42 14.36 14.91
CA ALA A 104 -19.26 14.87 13.83
C ALA A 104 -19.79 16.26 14.12
N THR A 105 -20.25 16.50 15.36
CA THR A 105 -20.77 17.82 15.67
C THR A 105 -19.65 18.85 15.83
N TYR A 106 -18.44 18.43 16.23
CA TYR A 106 -17.31 19.36 16.23
C TYR A 106 -16.92 19.75 14.81
N ARG A 107 -16.92 18.78 13.89
CA ARG A 107 -16.65 19.08 12.48
C ARG A 107 -17.73 19.98 11.90
N ASN A 108 -18.98 19.75 12.27
CA ASN A 108 -20.07 20.62 11.81
C ASN A 108 -19.92 22.03 12.37
N ALA A 109 -19.52 22.15 13.65
CA ALA A 109 -19.36 23.46 14.26
C ALA A 109 -18.22 24.25 13.61
N ILE A 110 -17.13 23.56 13.24
CA ILE A 110 -16.05 24.30 12.59
C ILE A 110 -16.34 24.52 11.11
N HIS A 111 -17.18 23.67 10.49
CA HIS A 111 -17.62 23.90 9.12
C HIS A 111 -18.59 25.07 9.04
N ASP A 112 -19.28 25.37 10.15
CA ASP A 112 -20.16 26.52 10.20
C ASP A 112 -19.39 27.82 10.03
N TYR A 113 -18.10 27.85 10.40
CA TYR A 113 -17.28 29.02 10.14
C TYR A 113 -17.05 29.21 8.64
N PHE A 114 -16.78 28.14 7.91
CA PHE A 114 -16.60 28.24 6.47
C PHE A 114 -17.89 28.62 5.76
N ILE A 115 -19.01 28.03 6.17
CA ILE A 115 -20.28 28.32 5.53
C ILE A 115 -20.99 29.52 6.15
N GLY A 116 -20.43 30.11 7.20
CA GLY A 116 -21.00 31.31 7.79
C GLY A 116 -22.34 31.13 8.47
N ARG A 117 -22.52 30.04 9.24
CA ARG A 117 -23.71 29.86 10.07
C ARG A 117 -23.32 29.77 11.55
N THR A 118 -22.15 30.28 11.93
CA THR A 118 -21.66 30.14 13.30
C THR A 118 -22.49 31.00 14.25
N ASP A 119 -22.86 30.40 15.39
CA ASP A 119 -23.66 31.10 16.39
C ASP A 119 -22.89 32.26 17.02
N ASN A 120 -21.57 32.13 17.17
CA ASN A 120 -20.76 33.13 17.86
C ASN A 120 -20.10 34.16 16.94
N LEU A 121 -20.65 34.38 15.74
CA LEU A 121 -20.29 35.51 14.90
C LEU A 121 -21.52 36.36 14.62
N THR A 122 -21.27 37.64 14.35
CA THR A 122 -22.35 38.56 14.03
C THR A 122 -22.85 38.33 12.60
N ASP A 123 -23.99 38.97 12.28
CA ASP A 123 -24.69 38.66 11.03
C ASP A 123 -23.93 39.16 9.80
N ALA A 124 -23.24 40.29 9.92
CA ALA A 124 -22.58 40.87 8.75
C ALA A 124 -21.41 40.01 8.29
N ILE A 125 -20.54 39.61 9.21
CA ILE A 125 -19.43 38.74 8.86
C ILE A 125 -19.94 37.34 8.50
N ASN A 126 -21.06 36.92 9.09
CA ASN A 126 -21.67 35.65 8.71
C ASN A 126 -22.13 35.67 7.25
N LYS A 127 -22.76 36.77 6.83
CA LYS A 127 -23.19 36.91 5.45
C LYS A 127 -21.99 37.01 4.52
N ARG A 128 -20.93 37.69 4.95
CA ARG A 128 -19.70 37.77 4.17
C ARG A 128 -19.10 36.39 3.93
N HIS A 129 -18.97 35.59 4.99
CA HIS A 129 -18.41 34.26 4.87
C HIS A 129 -19.31 33.34 4.07
N ALA A 130 -20.64 33.47 4.22
CA ALA A 130 -21.56 32.66 3.44
C ALA A 130 -21.49 32.98 1.96
N GLU A 131 -21.38 34.26 1.61
CA GLU A 131 -21.25 34.64 0.20
C GLU A 131 -19.93 34.14 -0.36
N ILE A 132 -18.85 34.18 0.44
CA ILE A 132 -17.57 33.67 -0.02
C ILE A 132 -17.66 32.16 -0.28
N TYR A 133 -18.27 31.43 0.66
CA TYR A 133 -18.42 29.98 0.50
C TYR A 133 -19.27 29.63 -0.71
N LYS A 134 -20.32 30.42 -0.97
CA LYS A 134 -21.11 30.21 -2.18
C LYS A 134 -20.29 30.49 -3.44
N GLY A 135 -19.50 31.57 -3.43
CA GLY A 135 -18.79 31.98 -4.62
C GLY A 135 -17.48 31.29 -4.90
N LEU A 136 -16.97 30.46 -3.98
CA LEU A 136 -15.70 29.78 -4.23
C LEU A 136 -15.84 28.70 -5.30
N PHE A 137 -16.90 27.91 -5.23
CA PHE A 137 -17.08 26.73 -6.08
C PHE A 137 -17.99 27.02 -7.27
N LYS A 138 -17.95 28.24 -7.79
CA LYS A 138 -18.66 28.59 -9.01
C LYS A 138 -17.73 29.35 -9.95
N ALA A 139 -18.25 29.80 -11.09
CA ALA A 139 -17.44 30.58 -12.03
C ALA A 139 -17.17 31.99 -11.53
N GLU A 140 -17.78 32.40 -10.42
CA GLU A 140 -17.58 33.73 -9.84
C GLU A 140 -16.15 33.94 -9.37
N LEU A 141 -15.38 32.87 -9.20
CA LEU A 141 -13.97 32.97 -8.86
C LEU A 141 -13.08 33.23 -10.07
N PHE A 142 -13.60 33.08 -11.29
CA PHE A 142 -12.80 33.26 -12.50
C PHE A 142 -12.96 34.64 -13.12
N ASN A 143 -14.16 35.21 -13.12
CA ASN A 143 -14.36 36.52 -13.75
C ASN A 143 -13.75 37.63 -12.91
N GLY A 144 -13.62 37.43 -11.60
CA GLY A 144 -12.99 38.42 -10.76
C GLY A 144 -13.88 38.98 -9.68
N LYS A 145 -14.97 38.28 -9.36
CA LYS A 145 -15.88 38.75 -8.32
C LYS A 145 -15.31 38.50 -6.93
N VAL A 146 -14.96 37.25 -6.64
CA VAL A 146 -14.49 36.90 -5.30
C VAL A 146 -13.08 37.42 -5.03
N LEU A 147 -12.34 37.80 -6.09
CA LEU A 147 -11.04 38.44 -5.89
C LEU A 147 -11.19 39.81 -5.23
N LYS A 148 -12.15 40.61 -5.71
CA LYS A 148 -12.45 41.88 -5.05
C LYS A 148 -13.23 41.68 -3.77
N GLN A 149 -14.02 40.60 -3.68
CA GLN A 149 -14.83 40.38 -2.50
C GLN A 149 -13.97 40.00 -1.30
N LEU A 150 -12.94 39.18 -1.52
CA LEU A 150 -12.04 38.79 -0.42
C LEU A 150 -11.19 39.97 0.01
N GLY A 151 -10.57 40.67 -0.94
CA GLY A 151 -9.74 41.83 -0.65
C GLY A 151 -8.30 41.52 -0.29
N THR A 152 -8.06 40.40 0.38
CA THR A 152 -6.73 40.03 0.84
C THR A 152 -5.84 39.56 -0.31
N VAL A 153 -6.41 38.93 -1.33
CA VAL A 153 -5.62 38.32 -2.40
C VAL A 153 -5.01 39.40 -3.28
N THR A 154 -3.77 39.17 -3.71
CA THR A 154 -3.06 40.06 -4.60
C THR A 154 -2.73 39.31 -5.89
N THR A 155 -3.11 39.89 -7.03
CA THR A 155 -2.94 39.26 -8.32
C THR A 155 -2.28 40.23 -9.28
N THR A 156 -1.24 39.76 -9.99
CA THR A 156 -0.61 40.57 -11.02
C THR A 156 -1.43 40.51 -12.30
N GLU A 157 -1.05 41.34 -13.28
CA GLU A 157 -1.81 41.44 -14.51
C GLU A 157 -1.65 40.18 -15.38
N HIS A 158 -0.50 39.51 -15.29
CA HIS A 158 -0.31 38.29 -16.06
C HIS A 158 -1.17 37.15 -15.53
N GLU A 159 -1.16 36.95 -14.21
CA GLU A 159 -1.98 35.91 -13.60
C GLU A 159 -3.46 36.20 -13.78
N ASN A 160 -3.86 37.47 -13.65
CA ASN A 160 -5.25 37.84 -13.89
C ASN A 160 -5.65 37.61 -15.33
N ALA A 161 -4.76 37.95 -16.28
CA ALA A 161 -5.07 37.80 -17.69
C ALA A 161 -5.20 36.33 -18.08
N LEU A 162 -4.33 35.47 -17.53
CA LEU A 162 -4.48 34.05 -17.78
C LEU A 162 -5.60 33.42 -16.96
N LEU A 163 -6.07 34.10 -15.90
CA LEU A 163 -7.21 33.63 -15.14
C LEU A 163 -8.53 33.94 -15.83
N ARG A 164 -8.61 35.07 -16.52
CA ARG A 164 -9.80 35.36 -17.34
C ARG A 164 -9.74 34.71 -18.71
N SER A 165 -8.62 34.05 -19.05
CA SER A 165 -8.50 33.37 -20.33
C SER A 165 -9.37 32.13 -20.44
N PHE A 166 -9.89 31.63 -19.31
CA PHE A 166 -10.83 30.52 -19.31
C PHE A 166 -12.28 30.97 -19.34
N ASP A 167 -12.55 32.16 -19.90
CA ASP A 167 -13.90 32.69 -19.92
C ASP A 167 -14.78 31.88 -20.87
N LYS A 168 -16.03 31.68 -20.46
CA LYS A 168 -17.01 30.82 -21.12
C LYS A 168 -16.51 29.38 -21.27
N PHE A 169 -15.54 28.98 -20.45
CA PHE A 169 -14.96 27.64 -20.57
C PHE A 169 -14.63 27.09 -19.18
N THR A 170 -15.33 27.56 -18.15
CA THR A 170 -14.92 27.36 -16.76
C THR A 170 -15.04 25.89 -16.35
N THR A 171 -15.99 25.14 -16.91
CA THR A 171 -16.27 23.77 -16.51
C THR A 171 -15.12 22.80 -16.78
N TYR A 172 -14.09 23.23 -17.51
CA TYR A 172 -12.84 22.48 -17.60
C TYR A 172 -12.24 22.21 -16.23
N PHE A 173 -12.48 23.10 -15.27
CA PHE A 173 -12.02 22.95 -13.89
C PHE A 173 -12.96 22.12 -13.04
N SER A 174 -14.06 21.62 -13.62
CA SER A 174 -15.23 21.21 -12.86
C SER A 174 -14.92 20.12 -11.83
N GLY A 175 -14.24 19.05 -12.26
CA GLY A 175 -13.83 18.01 -11.33
C GLY A 175 -12.90 18.55 -10.25
N PHE A 176 -11.89 19.34 -10.66
CA PHE A 176 -11.05 20.07 -9.72
C PHE A 176 -11.89 20.89 -8.77
N TYR A 177 -12.95 21.52 -9.29
CA TYR A 177 -13.88 22.28 -8.47
C TYR A 177 -14.44 21.41 -7.37
N GLU A 178 -15.03 20.27 -7.77
CA GLU A 178 -15.56 19.34 -6.78
C GLU A 178 -14.45 18.70 -5.96
N ASN A 179 -13.23 18.64 -6.50
CA ASN A 179 -12.11 18.16 -5.72
C ASN A 179 -11.87 19.04 -4.51
N ARG A 180 -11.96 20.36 -4.70
CA ARG A 180 -11.80 21.25 -3.56
C ARG A 180 -12.97 21.15 -2.59
N LYS A 181 -14.13 20.68 -3.06
CA LYS A 181 -15.24 20.41 -2.17
C LYS A 181 -14.93 19.27 -1.20
N ASN A 182 -13.91 18.45 -1.49
CA ASN A 182 -13.46 17.48 -0.51
C ASN A 182 -12.79 18.16 0.68
N VAL A 183 -12.05 19.25 0.42
CA VAL A 183 -11.24 19.86 1.47
C VAL A 183 -12.11 20.57 2.50
N PHE A 184 -13.04 21.40 2.03
CA PHE A 184 -13.79 22.27 2.93
C PHE A 184 -14.99 21.58 3.56
N SER A 185 -15.27 20.32 3.19
CA SER A 185 -16.47 19.65 3.64
C SER A 185 -16.37 19.26 5.12
N ALA A 186 -17.53 19.00 5.72
CA ALA A 186 -17.63 18.58 7.11
C ALA A 186 -17.60 17.06 7.28
N GLU A 187 -17.42 16.31 6.20
CA GLU A 187 -17.53 14.86 6.26
C GLU A 187 -16.32 14.26 6.97
N ASP A 188 -16.37 12.95 7.19
CA ASP A 188 -15.30 12.20 7.84
C ASP A 188 -14.19 11.81 6.87
N ILE A 189 -14.10 12.47 5.72
CA ILE A 189 -13.10 12.13 4.72
C ILE A 189 -11.72 12.57 5.19
N SER A 190 -10.69 11.82 4.78
CA SER A 190 -9.34 12.07 5.26
C SER A 190 -8.70 13.31 4.66
N THR A 191 -9.29 13.88 3.61
CA THR A 191 -8.77 15.10 2.99
C THR A 191 -9.55 16.34 3.42
N ALA A 192 -10.38 16.23 4.45
CA ALA A 192 -11.17 17.36 4.93
C ALA A 192 -10.37 18.16 5.95
N ILE A 193 -10.42 19.48 5.83
CA ILE A 193 -9.81 20.35 6.84
C ILE A 193 -10.45 20.19 8.21
N PRO A 194 -11.79 20.13 8.37
CA PRO A 194 -12.34 19.81 9.69
C PRO A 194 -11.91 18.46 10.25
N HIS A 195 -11.77 17.43 9.41
CA HIS A 195 -11.31 16.14 9.89
C HIS A 195 -9.86 16.21 10.37
N ARG A 196 -9.02 16.93 9.62
CA ARG A 196 -7.62 17.11 10.02
C ARG A 196 -7.52 17.88 11.32
N ILE A 197 -8.40 18.86 11.52
CA ILE A 197 -8.38 19.65 12.74
C ILE A 197 -8.87 18.83 13.93
N VAL A 198 -9.96 18.09 13.77
CA VAL A 198 -10.63 17.47 14.90
C VAL A 198 -10.05 16.09 15.22
N GLN A 199 -9.95 15.20 14.23
CA GLN A 199 -9.64 13.81 14.50
C GLN A 199 -8.15 13.48 14.35
N ASP A 200 -7.33 14.40 13.87
CA ASP A 200 -5.91 14.13 13.68
C ASP A 200 -5.01 15.01 14.53
N ASN A 201 -5.15 16.32 14.43
CA ASN A 201 -4.28 17.22 15.19
C ASN A 201 -4.67 17.29 16.65
N PHE A 202 -5.97 17.39 16.94
CA PHE A 202 -6.41 17.54 18.32
C PHE A 202 -6.11 16.35 19.23
N PRO A 203 -6.22 15.08 18.82
CA PRO A 203 -5.76 14.01 19.74
C PRO A 203 -4.28 14.10 20.10
N LYS A 204 -3.42 14.47 19.16
CA LYS A 204 -2.01 14.66 19.47
C LYS A 204 -1.80 15.85 20.40
N PHE A 205 -2.54 16.94 20.19
CA PHE A 205 -2.37 18.09 21.08
C PHE A 205 -2.89 17.79 22.48
N LYS A 206 -4.01 17.06 22.59
CA LYS A 206 -4.54 16.69 23.89
C LYS A 206 -3.60 15.77 24.64
N GLU A 207 -3.02 14.78 23.94
CA GLU A 207 -2.08 13.90 24.63
C GLU A 207 -0.77 14.62 24.94
N ASN A 208 -0.38 15.61 24.11
CA ASN A 208 0.75 16.46 24.46
C ASN A 208 0.49 17.22 25.76
N CYS A 209 -0.72 17.77 25.89
CA CYS A 209 -1.12 18.45 27.12
C CYS A 209 -1.09 17.50 28.32
N HIS A 210 -1.55 16.26 28.13
CA HIS A 210 -1.61 15.34 29.25
C HIS A 210 -0.23 14.87 29.69
N ILE A 211 0.67 14.55 28.76
CA ILE A 211 2.03 14.20 29.14
C ILE A 211 2.74 15.40 29.77
N PHE A 212 2.50 16.61 29.26
CA PHE A 212 3.14 17.78 29.85
C PHE A 212 2.66 18.02 31.28
N THR A 213 1.35 17.88 31.52
CA THR A 213 0.81 18.11 32.86
C THR A 213 1.27 17.03 33.83
N ARG A 214 1.31 15.76 33.38
CA ARG A 214 1.78 14.69 34.25
C ARG A 214 3.27 14.83 34.56
N LEU A 215 4.06 15.21 33.56
CA LEU A 215 5.50 15.39 33.75
C LEU A 215 5.83 16.65 34.55
N ILE A 216 4.93 17.64 34.56
CA ILE A 216 5.11 18.79 35.44
C ILE A 216 4.57 18.50 36.84
N THR A 217 3.66 17.53 36.97
CA THR A 217 3.24 17.06 38.28
C THR A 217 4.36 16.27 38.95
N ALA A 218 5.11 15.49 38.16
CA ALA A 218 6.19 14.66 38.70
C ALA A 218 7.28 15.51 39.34
N VAL A 219 7.72 16.56 38.66
CA VAL A 219 8.69 17.51 39.21
C VAL A 219 8.55 18.85 38.50
N PRO A 220 8.41 19.95 39.22
CA PRO A 220 8.31 21.27 38.59
C PRO A 220 9.63 22.01 38.42
N SER A 221 10.77 21.36 38.66
CA SER A 221 12.06 22.02 38.56
C SER A 221 12.43 22.37 37.13
N LEU A 222 11.87 21.67 36.15
CA LEU A 222 12.14 21.96 34.74
C LEU A 222 11.06 22.83 34.11
N ARG A 223 10.06 23.28 34.87
CA ARG A 223 9.11 24.26 34.34
C ARG A 223 9.81 25.57 34.01
N GLU A 224 10.70 26.03 34.90
CA GLU A 224 11.48 27.21 34.61
C GLU A 224 12.42 26.98 33.44
N HIS A 225 12.97 25.77 33.30
CA HIS A 225 13.79 25.42 32.14
C HIS A 225 12.98 25.53 30.85
N PHE A 226 11.74 25.05 30.88
CA PHE A 226 10.84 25.18 29.73
C PHE A 226 10.58 26.65 29.41
N GLU A 227 10.42 27.47 30.45
CA GLU A 227 10.22 28.90 30.24
C GLU A 227 11.45 29.54 29.59
N ASN A 228 12.66 29.16 30.04
CA ASN A 228 13.88 29.72 29.45
C ASN A 228 14.06 29.29 28.00
N VAL A 229 13.77 28.02 27.66
CA VAL A 229 13.97 27.64 26.26
C VAL A 229 12.89 28.29 25.38
N LYS A 230 11.67 28.47 25.90
CA LYS A 230 10.65 29.19 25.16
C LYS A 230 11.03 30.65 24.95
N LYS A 231 11.66 31.28 25.95
CA LYS A 231 12.10 32.66 25.79
C LYS A 231 13.28 32.77 24.83
N ALA A 232 14.23 31.84 24.92
CA ALA A 232 15.42 31.90 24.08
C ALA A 232 15.09 31.59 22.62
N ILE A 233 14.17 30.66 22.38
CA ILE A 233 13.74 30.40 21.02
C ILE A 233 12.90 31.55 20.49
N GLY A 234 12.35 32.38 21.37
CA GLY A 234 11.55 33.54 20.98
C GLY A 234 10.30 33.19 20.22
N ILE A 235 9.67 32.07 20.55
CA ILE A 235 8.52 31.58 19.82
C ILE A 235 7.34 31.51 20.79
N PHE A 236 6.21 32.11 20.41
CA PHE A 236 5.06 32.40 21.29
C PHE A 236 5.50 33.20 22.52
N VAL A 237 6.04 34.38 22.28
CA VAL A 237 6.52 35.23 23.39
C VAL A 237 5.39 35.86 24.18
N SER A 238 4.17 35.87 23.66
CA SER A 238 3.06 36.50 24.35
C SER A 238 2.37 35.59 25.36
N THR A 239 2.80 34.33 25.46
CA THR A 239 2.18 33.36 26.34
C THR A 239 3.26 32.62 27.11
N SER A 240 2.89 32.07 28.26
CA SER A 240 3.80 31.31 29.08
C SER A 240 3.74 29.83 28.71
N ILE A 241 4.58 29.03 29.37
CA ILE A 241 4.66 27.60 29.09
C ILE A 241 3.39 26.87 29.53
N GLU A 242 2.79 27.31 30.65
CA GLU A 242 1.64 26.60 31.20
C GLU A 242 0.42 26.69 30.28
N GLU A 243 0.20 27.83 29.63
CA GLU A 243 -0.99 28.00 28.81
C GLU A 243 -0.80 27.62 27.35
N VAL A 244 0.45 27.51 26.88
CA VAL A 244 0.67 27.13 25.49
C VAL A 244 0.42 25.63 25.28
N PHE A 245 0.50 24.82 26.33
CA PHE A 245 0.03 23.44 26.29
C PHE A 245 -1.33 23.25 26.97
N SER A 246 -2.17 24.28 26.96
CA SER A 246 -3.54 24.13 27.43
C SER A 246 -4.49 24.02 26.24
N PHE A 247 -5.69 23.49 26.51
CA PHE A 247 -6.68 23.29 25.45
C PHE A 247 -7.12 24.57 24.73
N PRO A 248 -7.48 25.68 25.41
CA PRO A 248 -7.96 26.85 24.65
C PRO A 248 -6.94 27.45 23.70
N PHE A 249 -5.64 27.28 23.98
CA PHE A 249 -4.63 27.80 23.09
C PHE A 249 -4.60 27.06 21.76
N TYR A 250 -5.19 25.85 21.69
CA TYR A 250 -5.37 25.17 20.42
C TYR A 250 -6.23 25.99 19.46
N ASN A 251 -7.08 26.88 20.01
CA ASN A 251 -7.88 27.77 19.20
C ASN A 251 -7.04 28.78 18.43
N GLN A 252 -5.82 29.03 18.90
CA GLN A 252 -4.87 29.83 18.13
C GLN A 252 -3.99 29.00 17.22
N LEU A 253 -4.05 27.67 17.32
CA LEU A 253 -3.09 26.78 16.67
C LEU A 253 -3.56 26.20 15.35
N LEU A 254 -4.73 26.62 14.84
CA LEU A 254 -5.28 26.00 13.64
C LEU A 254 -4.57 26.46 12.38
N THR A 255 -4.07 27.70 12.36
CA THR A 255 -3.39 28.25 11.20
C THR A 255 -2.06 27.51 10.99
N GLN A 256 -1.65 27.41 9.71
CA GLN A 256 -0.47 26.62 9.38
C GLN A 256 0.80 27.20 9.99
N THR A 257 0.95 28.53 9.97
CA THR A 257 2.15 29.12 10.53
C THR A 257 2.23 28.95 12.05
N GLN A 258 1.08 28.82 12.72
CA GLN A 258 1.11 28.51 14.14
C GLN A 258 1.47 27.05 14.39
N ILE A 259 1.06 26.15 13.50
CA ILE A 259 1.51 24.77 13.55
C ILE A 259 3.02 24.69 13.35
N ASP A 260 3.55 25.49 12.42
CA ASP A 260 4.99 25.54 12.19
C ASP A 260 5.73 26.09 13.40
N LEU A 261 5.18 27.11 14.05
CA LEU A 261 5.82 27.65 15.26
C LEU A 261 5.75 26.66 16.41
N TYR A 262 4.64 25.93 16.53
CA TYR A 262 4.54 24.88 17.55
C TYR A 262 5.55 23.77 17.31
N ASN A 263 5.72 23.36 16.04
CA ASN A 263 6.71 22.34 15.70
C ASN A 263 8.12 22.84 15.92
N GLN A 264 8.36 24.14 15.67
CA GLN A 264 9.67 24.72 15.93
C GLN A 264 9.97 24.76 17.43
N LEU A 265 8.96 25.06 18.25
CA LEU A 265 9.13 25.03 19.69
C LEU A 265 9.41 23.61 20.18
N LEU A 266 8.71 22.62 19.62
CA LEU A 266 8.89 21.25 20.08
C LEU A 266 10.23 20.68 19.62
N GLY A 267 10.66 20.98 18.40
CA GLY A 267 11.82 20.34 17.83
C GLY A 267 13.09 21.17 17.77
N GLY A 268 12.99 22.46 18.05
CA GLY A 268 14.13 23.35 17.99
C GLY A 268 14.39 23.87 16.59
N ILE A 269 15.32 24.83 16.52
CA ILE A 269 15.70 25.46 15.27
C ILE A 269 16.99 24.83 14.77
N SER A 270 16.97 24.33 13.54
CA SER A 270 18.16 23.74 12.94
C SER A 270 18.67 24.59 11.79
N ILE A 278 19.71 25.56 18.07
CA ILE A 278 19.00 25.89 19.30
C ILE A 278 18.06 24.74 19.68
N LYS A 279 18.08 24.37 20.95
CA LYS A 279 17.38 23.19 21.43
C LYS A 279 15.87 23.43 21.51
N GLY A 280 15.11 22.36 21.31
CA GLY A 280 13.69 22.35 21.55
C GLY A 280 13.34 21.62 22.83
N LEU A 281 12.05 21.34 23.00
CA LEU A 281 11.61 20.68 24.21
C LEU A 281 12.05 19.22 24.26
N ASN A 282 12.05 18.55 23.10
CA ASN A 282 12.53 17.17 23.04
C ASN A 282 14.02 17.09 23.36
N GLU A 283 14.81 18.04 22.85
CA GLU A 283 16.23 18.06 23.15
C GLU A 283 16.50 18.38 24.62
N VAL A 284 15.68 19.26 25.21
CA VAL A 284 15.79 19.55 26.65
C VAL A 284 15.47 18.31 27.47
N LEU A 285 14.43 17.58 27.08
CA LEU A 285 14.08 16.35 27.80
C LEU A 285 15.17 15.29 27.64
N ASN A 286 15.79 15.20 26.47
CA ASN A 286 16.91 14.29 26.28
C ASN A 286 18.11 14.67 27.15
N LEU A 287 18.40 15.97 27.24
CA LEU A 287 19.46 16.44 28.13
C LEU A 287 19.14 16.16 29.59
N ALA A 288 17.86 16.22 29.96
CA ALA A 288 17.47 15.94 31.33
C ALA A 288 17.60 14.46 31.66
N ILE A 289 17.20 13.58 30.73
CA ILE A 289 17.27 12.15 31.00
C ILE A 289 18.68 11.59 30.83
N GLN A 290 19.57 12.28 30.12
CA GLN A 290 20.93 11.80 29.97
C GLN A 290 21.84 12.19 31.13
N LYS A 291 21.36 13.03 32.06
CA LYS A 291 22.20 13.49 33.16
C LYS A 291 22.44 12.39 34.19
N ASN A 292 21.56 11.38 34.24
CA ASN A 292 21.63 10.25 35.16
C ASN A 292 21.61 10.68 36.63
N ASP A 293 20.82 11.70 36.94
CA ASP A 293 20.50 12.05 38.32
C ASP A 293 19.13 11.48 38.67
N GLU A 294 18.65 11.80 39.88
CA GLU A 294 17.37 11.27 40.34
C GLU A 294 16.21 11.74 39.46
N THR A 295 16.29 12.97 38.94
CA THR A 295 15.27 13.43 38.02
C THR A 295 15.32 12.68 36.69
N ALA A 296 16.49 12.13 36.33
CA ALA A 296 16.58 11.37 35.08
C ALA A 296 15.82 10.05 35.17
N HIS A 297 15.93 9.34 36.30
CA HIS A 297 15.09 8.16 36.47
C HIS A 297 13.63 8.53 36.75
N ILE A 298 13.37 9.70 37.33
CA ILE A 298 11.97 10.04 37.59
C ILE A 298 11.24 10.50 36.33
N ILE A 299 11.97 10.91 35.29
CA ILE A 299 11.37 11.34 34.03
C ILE A 299 11.45 10.23 32.97
N ALA A 300 12.57 9.51 32.91
CA ALA A 300 12.77 8.52 31.85
C ALA A 300 11.86 7.31 31.98
N SER A 301 11.42 6.97 33.20
CA SER A 301 10.46 5.88 33.35
C SER A 301 9.06 6.30 32.90
N LEU A 302 8.80 7.59 32.89
CA LEU A 302 7.59 8.28 32.45
C LEU A 302 7.63 8.49 30.94
N PRO A 303 6.48 8.61 30.29
CA PRO A 303 6.46 9.06 28.88
C PRO A 303 7.10 10.42 28.73
N HIS A 304 8.00 10.53 27.75
CA HIS A 304 8.85 11.71 27.64
C HIS A 304 9.01 12.18 26.19
N ARG A 305 7.95 12.12 25.39
CA ARG A 305 8.01 12.58 24.01
C ARG A 305 6.74 13.34 23.66
N PHE A 306 6.89 14.34 22.78
CA PHE A 306 5.78 15.10 22.23
C PHE A 306 5.83 14.96 20.71
N ILE A 307 4.92 14.19 20.15
CA ILE A 307 4.88 14.03 18.69
C ILE A 307 4.36 15.32 18.06
N PRO A 308 5.02 15.84 17.01
CA PRO A 308 4.57 17.08 16.40
C PRO A 308 3.23 16.95 15.69
N LEU A 309 2.57 18.09 15.51
CA LEU A 309 1.27 18.13 14.87
C LEU A 309 1.39 18.01 13.35
N PHE A 310 0.31 17.55 12.73
CA PHE A 310 0.28 17.44 11.28
C PHE A 310 0.22 18.82 10.64
N LYS A 311 0.68 18.90 9.40
CA LYS A 311 0.54 20.13 8.62
C LYS A 311 -0.92 20.32 8.22
N GLN A 312 -1.25 21.56 7.88
CA GLN A 312 -2.59 21.87 7.38
C GLN A 312 -2.69 21.51 5.90
N ILE A 313 -3.92 21.18 5.48
CA ILE A 313 -4.17 20.80 4.10
C ILE A 313 -4.05 22.04 3.22
N LEU A 314 -3.38 21.88 2.07
CA LEU A 314 -2.97 22.98 1.19
C LEU A 314 -2.09 23.98 1.95
N SER A 315 -0.90 23.51 2.30
CA SER A 315 0.08 24.36 2.94
C SER A 315 1.48 23.95 2.49
N ASP A 316 2.38 24.92 2.49
CA ASP A 316 3.78 24.67 2.16
C ASP A 316 4.56 24.35 3.44
N ARG A 317 5.85 24.09 3.29
CA ARG A 317 6.71 23.77 4.43
C ARG A 317 7.64 24.91 4.79
N ASP A 330 20.63 14.18 -21.21
CA ASP A 330 21.68 13.69 -20.32
C ASP A 330 22.57 14.84 -19.87
N GLU A 331 22.54 15.95 -20.60
CA GLU A 331 23.40 17.08 -20.28
C GLU A 331 22.91 17.85 -19.05
N GLU A 332 21.64 17.70 -18.66
CA GLU A 332 21.15 18.42 -17.50
C GLU A 332 21.78 17.89 -16.21
N VAL A 333 21.77 16.57 -16.03
CA VAL A 333 22.38 15.97 -14.84
C VAL A 333 23.90 16.08 -14.91
N ILE A 334 24.47 16.02 -16.12
CA ILE A 334 25.92 16.18 -16.29
C ILE A 334 26.36 17.57 -15.85
N GLN A 335 25.62 18.60 -16.29
CA GLN A 335 25.96 19.97 -15.91
C GLN A 335 25.71 20.21 -14.42
N SER A 336 24.62 19.66 -13.89
CA SER A 336 24.33 19.82 -12.46
C SER A 336 25.41 19.17 -11.60
N PHE A 337 25.86 17.97 -11.96
CA PHE A 337 26.91 17.30 -11.21
C PHE A 337 28.25 17.99 -11.41
N CYS A 338 28.49 18.58 -12.59
CA CYS A 338 29.72 19.32 -12.81
C CYS A 338 29.79 20.56 -11.93
N LYS A 339 28.69 21.31 -11.85
CA LYS A 339 28.66 22.48 -10.95
C LYS A 339 28.74 22.05 -9.49
N TYR A 340 28.11 20.93 -9.13
CA TYR A 340 28.19 20.42 -7.76
C TYR A 340 29.62 20.03 -7.39
N LYS A 341 30.32 19.34 -8.29
CA LYS A 341 31.70 18.95 -8.04
C LYS A 341 32.63 20.16 -8.01
N THR A 342 32.38 21.15 -8.87
CA THR A 342 33.18 22.37 -8.85
C THR A 342 33.00 23.14 -7.55
N LEU A 343 31.75 23.24 -7.08
CA LEU A 343 31.50 23.94 -5.82
C LEU A 343 32.06 23.17 -4.63
N LEU A 344 32.06 21.83 -4.70
CA LEU A 344 32.65 21.04 -3.62
C LEU A 344 34.17 21.15 -3.62
N ARG A 345 34.78 21.25 -4.81
CA ARG A 345 36.21 21.49 -4.89
C ARG A 345 36.57 22.87 -4.37
N ASN A 346 35.73 23.87 -4.65
CA ASN A 346 35.99 25.23 -4.18
C ASN A 346 35.89 25.32 -2.66
N GLU A 347 34.92 24.61 -2.07
CA GLU A 347 34.77 24.62 -0.61
C GLU A 347 35.77 23.72 0.10
N ASN A 348 36.45 22.83 -0.65
CA ASN A 348 37.45 21.90 -0.11
C ASN A 348 36.86 21.02 0.99
N VAL A 349 35.82 20.28 0.62
CA VAL A 349 35.14 19.40 1.58
C VAL A 349 36.05 18.24 1.97
N LEU A 350 36.91 17.78 1.06
CA LEU A 350 37.85 16.71 1.39
C LEU A 350 38.87 17.19 2.42
N GLU A 351 39.33 18.43 2.29
CA GLU A 351 40.29 18.98 3.24
C GLU A 351 39.67 19.14 4.62
N THR A 352 38.43 19.61 4.69
CA THR A 352 37.73 19.72 5.97
C THR A 352 37.49 18.36 6.59
N ALA A 353 37.11 17.37 5.77
CA ALA A 353 36.89 16.02 6.28
C ALA A 353 38.18 15.39 6.80
N GLU A 354 39.28 15.56 6.07
CA GLU A 354 40.55 14.99 6.52
C GLU A 354 41.09 15.74 7.75
N ALA A 355 40.83 17.05 7.86
CA ALA A 355 41.22 17.77 9.06
C ALA A 355 40.42 17.32 10.27
N LEU A 356 39.12 17.08 10.08
CA LEU A 356 38.28 16.56 11.16
C LEU A 356 38.72 15.17 11.58
N PHE A 357 39.03 14.30 10.62
CA PHE A 357 39.51 12.96 10.95
C PHE A 357 40.91 12.99 11.56
N ASN A 358 41.70 14.02 11.27
CA ASN A 358 43.00 14.15 11.93
C ASN A 358 42.85 14.61 13.37
N GLU A 359 41.97 15.59 13.61
CA GLU A 359 41.78 16.06 14.99
C GLU A 359 40.96 15.08 15.83
N LEU A 360 40.27 14.13 15.20
CA LEU A 360 39.56 13.10 15.96
C LEU A 360 40.51 12.19 16.75
N ASN A 361 41.78 12.11 16.35
CA ASN A 361 42.72 11.20 17.00
C ASN A 361 43.19 11.71 18.36
N SER A 362 43.03 13.02 18.63
CA SER A 362 43.60 13.61 19.83
C SER A 362 42.58 14.22 20.78
N ILE A 363 41.39 14.55 20.33
CA ILE A 363 40.40 15.21 21.18
C ILE A 363 39.75 14.19 22.12
N ASP A 364 39.05 14.67 23.13
CA ASP A 364 38.36 13.79 24.06
C ASP A 364 37.19 13.11 23.37
N LEU A 365 37.05 11.81 23.63
CA LEU A 365 36.01 11.01 23.01
C LEU A 365 34.70 11.00 23.80
N THR A 366 34.70 11.56 25.01
CA THR A 366 33.48 11.60 25.82
C THR A 366 32.51 12.65 25.31
N HIS A 367 32.99 13.70 24.65
CA HIS A 367 32.18 14.85 24.28
C HIS A 367 31.51 14.71 22.92
N ILE A 368 31.69 13.57 22.23
CA ILE A 368 31.04 13.33 20.95
C ILE A 368 30.44 11.94 20.95
N PHE A 369 29.28 11.79 20.31
CA PHE A 369 28.44 10.63 20.48
C PHE A 369 28.09 10.01 19.13
N ILE A 370 27.73 8.73 19.16
CA ILE A 370 27.28 7.98 17.99
C ILE A 370 25.76 7.82 18.09
N SER A 371 25.05 8.17 17.02
CA SER A 371 23.61 8.01 17.00
C SER A 371 23.22 6.54 17.09
N HIS A 372 22.15 6.27 17.84
CA HIS A 372 21.75 4.89 18.12
C HIS A 372 21.17 4.19 16.90
N LYS A 373 20.64 4.94 15.92
CA LYS A 373 20.00 4.33 14.76
C LYS A 373 20.98 3.55 13.89
N LYS A 374 22.27 3.86 13.98
CA LYS A 374 23.32 3.11 13.31
C LYS A 374 24.13 2.24 14.25
N LEU A 375 23.58 1.90 15.43
CA LEU A 375 24.27 1.01 16.35
C LEU A 375 24.45 -0.38 15.75
N GLU A 376 23.50 -0.82 14.92
CA GLU A 376 23.72 -2.02 14.12
C GLU A 376 24.72 -1.75 13.01
N THR A 377 24.63 -0.57 12.40
CA THR A 377 25.40 -0.28 11.18
C THR A 377 26.89 -0.26 11.45
N ILE A 378 27.31 0.31 12.60
CA ILE A 378 28.71 0.25 12.99
C ILE A 378 29.17 -1.19 13.13
N SER A 379 28.30 -2.06 13.66
CA SER A 379 28.59 -3.48 13.74
C SER A 379 28.68 -4.08 12.35
N SER A 380 27.89 -3.59 11.40
CA SER A 380 28.00 -4.05 10.03
C SER A 380 29.20 -3.46 9.30
N ALA A 381 29.88 -2.47 9.88
CA ALA A 381 30.99 -1.83 9.19
C ALA A 381 32.31 -2.04 9.90
N LEU A 382 32.42 -1.69 11.18
CA LEU A 382 33.70 -1.78 11.88
C LEU A 382 34.02 -3.19 12.36
N CYS A 383 33.04 -4.10 12.38
CA CYS A 383 33.30 -5.46 12.83
C CYS A 383 32.57 -6.42 11.89
N ASP A 384 32.50 -7.69 12.32
CA ASP A 384 32.20 -8.79 11.42
C ASP A 384 30.74 -9.20 11.40
N HIS A 385 29.97 -8.89 12.44
CA HIS A 385 28.56 -9.27 12.51
C HIS A 385 27.73 -8.03 12.79
N TRP A 386 26.50 -8.03 12.28
CA TRP A 386 25.66 -6.84 12.33
C TRP A 386 25.10 -6.53 13.71
N ASP A 387 25.39 -7.35 14.73
CA ASP A 387 24.89 -7.08 16.07
C ASP A 387 25.92 -7.38 17.17
N THR A 388 27.20 -7.51 16.83
CA THR A 388 28.18 -7.96 17.83
C THR A 388 28.54 -6.86 18.82
N LEU A 389 28.64 -5.61 18.36
CA LEU A 389 28.98 -4.53 19.29
C LEU A 389 27.81 -4.16 20.19
N ARG A 390 26.58 -4.34 19.73
CA ARG A 390 25.42 -4.16 20.59
C ARG A 390 25.47 -5.14 21.77
N ASN A 391 25.80 -6.41 21.48
CA ASN A 391 25.99 -7.38 22.55
C ASN A 391 27.21 -7.07 23.39
N ALA A 392 28.26 -6.50 22.80
CA ALA A 392 29.46 -6.16 23.55
C ALA A 392 29.19 -5.07 24.58
N LEU A 393 28.55 -3.97 24.16
CA LEU A 393 28.21 -2.92 25.11
C LEU A 393 27.14 -3.36 26.10
N TYR A 394 26.21 -4.22 25.68
CA TYR A 394 25.22 -4.75 26.63
C TYR A 394 25.87 -5.59 27.72
N GLU A 395 26.78 -6.50 27.34
CA GLU A 395 27.42 -7.34 28.34
C GLU A 395 28.45 -6.56 29.16
N ARG A 396 29.00 -5.48 28.63
CA ARG A 396 29.93 -4.68 29.41
C ARG A 396 29.19 -3.77 30.37
N ARG A 397 27.96 -3.35 30.03
CA ARG A 397 27.13 -2.67 31.01
C ARG A 397 26.61 -3.63 32.06
N ILE A 398 26.33 -4.88 31.67
CA ILE A 398 25.97 -5.90 32.64
C ILE A 398 27.13 -6.17 33.61
N SER A 399 28.35 -6.22 33.08
CA SER A 399 29.53 -6.44 33.91
C SER A 399 29.85 -5.26 34.82
N GLU A 400 29.39 -4.07 34.47
CA GLU A 400 29.56 -2.90 35.31
C GLU A 400 28.40 -2.67 36.27
N LEU A 401 27.40 -3.55 36.25
CA LEU A 401 26.28 -3.41 37.17
C LEU A 401 26.72 -3.77 38.59
N THR A 402 26.15 -3.08 39.57
CA THR A 402 26.47 -3.28 40.98
C THR A 402 25.39 -4.14 41.61
N GLY A 403 25.80 -5.25 42.22
CA GLY A 403 24.86 -6.15 42.85
C GLY A 403 24.40 -7.26 41.93
N LYS A 404 23.42 -8.01 42.43
CA LYS A 404 22.87 -9.13 41.66
C LYS A 404 22.03 -8.63 40.49
N ILE A 405 21.95 -9.46 39.45
CA ILE A 405 21.19 -9.14 38.25
C ILE A 405 19.73 -9.47 38.48
N THR A 406 18.85 -8.48 38.28
CA THR A 406 17.42 -8.66 38.40
C THR A 406 16.76 -8.17 37.11
N LYS A 407 15.44 -8.36 37.04
CA LYS A 407 14.71 -8.01 35.81
C LYS A 407 14.65 -6.49 35.61
N SER A 408 14.45 -5.74 36.69
CA SER A 408 14.36 -4.28 36.57
C SER A 408 15.69 -3.67 36.16
N ALA A 409 16.79 -4.16 36.73
CA ALA A 409 18.10 -3.64 36.35
C ALA A 409 18.47 -4.00 34.92
N LYS A 410 18.10 -5.22 34.49
CA LYS A 410 18.33 -5.63 33.11
C LYS A 410 17.52 -4.77 32.15
N GLU A 411 16.27 -4.47 32.50
CA GLU A 411 15.45 -3.60 31.66
C GLU A 411 15.99 -2.17 31.65
N LYS A 412 16.52 -1.71 32.78
CA LYS A 412 17.14 -0.39 32.84
C LYS A 412 18.36 -0.31 31.93
N VAL A 413 19.18 -1.36 31.94
CA VAL A 413 20.35 -1.42 31.06
C VAL A 413 19.92 -1.43 29.60
N GLN A 414 18.90 -2.24 29.28
CA GLN A 414 18.40 -2.34 27.91
C GLN A 414 17.83 -1.01 27.43
N ARG A 415 17.12 -0.30 28.31
CA ARG A 415 16.59 1.02 27.96
C ARG A 415 17.73 2.01 27.78
N SER A 416 18.74 1.97 28.66
CA SER A 416 19.86 2.90 28.57
C SER A 416 20.77 2.62 27.38
N LEU A 417 20.63 1.47 26.71
CA LEU A 417 21.39 1.26 25.50
C LEU A 417 20.57 1.12 24.22
N LYS A 418 19.23 1.11 24.30
CA LYS A 418 18.45 0.79 23.10
C LYS A 418 18.31 2.00 22.17
N HIS A 419 17.96 3.17 22.71
CA HIS A 419 17.59 4.34 21.92
C HIS A 419 18.36 5.58 22.36
N GLU A 420 19.57 5.40 22.88
CA GLU A 420 20.37 6.50 23.38
C GLU A 420 21.72 6.53 22.67
N ASP A 421 22.22 7.74 22.42
CA ASP A 421 23.55 7.90 21.85
C ASP A 421 24.61 7.48 22.87
N ILE A 422 25.72 6.97 22.36
CA ILE A 422 26.79 6.45 23.20
C ILE A 422 28.12 7.06 22.75
N ASN A 423 28.89 7.57 23.72
CA ASN A 423 30.17 8.20 23.44
C ASN A 423 31.20 7.16 23.02
N LEU A 424 32.28 7.64 22.39
CA LEU A 424 33.27 6.74 21.81
C LEU A 424 34.18 6.08 22.83
N GLN A 425 34.23 6.58 24.07
CA GLN A 425 35.06 5.94 25.08
C GLN A 425 34.50 4.57 25.47
N GLU A 426 33.17 4.46 25.58
CA GLU A 426 32.56 3.17 25.86
C GLU A 426 32.76 2.20 24.70
N ILE A 427 32.71 2.70 23.46
CA ILE A 427 32.97 1.87 22.29
C ILE A 427 34.42 1.39 22.29
N ILE A 428 35.36 2.28 22.60
CA ILE A 428 36.77 1.95 22.54
C ILE A 428 37.22 1.14 23.75
N SER A 429 36.42 1.11 24.82
CA SER A 429 36.72 0.25 25.96
C SER A 429 36.08 -1.13 25.85
N ALA A 430 34.84 -1.18 25.36
CA ALA A 430 34.16 -2.47 25.22
C ALA A 430 34.73 -3.28 24.06
N ALA A 431 34.95 -2.64 22.91
CA ALA A 431 35.44 -3.30 21.72
C ALA A 431 36.95 -3.22 21.56
N GLY A 432 37.65 -2.56 22.49
CA GLY A 432 39.09 -2.44 22.41
C GLY A 432 39.54 -1.30 21.52
N LYS A 433 40.86 -1.13 21.47
CA LYS A 433 41.47 -0.06 20.68
C LYS A 433 41.65 -0.44 19.22
N GLU A 434 41.39 -1.70 18.85
CA GLU A 434 41.65 -2.17 17.49
C GLU A 434 40.82 -1.43 16.46
N LEU A 435 39.59 -1.05 16.81
CA LEU A 435 38.74 -0.26 15.91
C LEU A 435 39.39 1.08 15.57
N SER A 436 40.15 1.64 16.51
CA SER A 436 40.86 2.90 16.27
C SER A 436 41.88 2.77 15.13
N GLU A 437 42.34 1.56 14.83
CA GLU A 437 43.09 1.36 13.60
C GLU A 437 42.15 1.22 12.41
N ALA A 438 41.14 0.35 12.54
CA ALA A 438 40.28 0.00 11.40
C ALA A 438 39.48 1.20 10.91
N PHE A 439 38.94 1.98 11.85
CA PHE A 439 38.31 3.26 11.51
C PHE A 439 39.30 4.16 10.79
N LYS A 440 40.53 4.25 11.30
CA LYS A 440 41.58 5.00 10.63
C LYS A 440 41.92 4.42 9.27
N GLN A 441 41.69 3.11 9.07
CA GLN A 441 41.78 2.55 7.73
C GLN A 441 40.68 3.10 6.84
N LYS A 442 39.42 3.02 7.30
CA LYS A 442 38.30 3.05 6.38
C LYS A 442 38.08 4.46 5.83
N THR A 443 38.23 5.49 6.69
CA THR A 443 38.18 6.86 6.20
C THR A 443 39.30 7.14 5.21
N SER A 444 40.50 6.60 5.47
CA SER A 444 41.61 6.76 4.54
C SER A 444 41.33 6.11 3.19
N GLU A 445 40.32 5.24 3.12
CA GLU A 445 39.78 4.84 1.83
C GLU A 445 38.83 5.89 1.27
N ILE A 446 37.73 6.18 1.99
CA ILE A 446 36.55 6.76 1.35
C ILE A 446 36.83 8.17 0.83
N LEU A 447 37.43 9.02 1.66
CA LEU A 447 37.77 10.37 1.23
C LEU A 447 38.75 10.34 0.07
N SER A 448 39.63 9.34 0.02
CA SER A 448 40.52 9.18 -1.12
C SER A 448 39.71 8.96 -2.41
N HIS A 449 38.71 8.08 -2.37
CA HIS A 449 37.82 7.99 -3.52
C HIS A 449 37.04 9.28 -3.71
N ALA A 450 36.65 9.93 -2.61
CA ALA A 450 36.06 11.27 -2.72
C ALA A 450 37.05 12.23 -3.36
N HIS A 451 38.34 12.11 -3.00
CA HIS A 451 39.37 12.88 -3.67
C HIS A 451 39.41 12.53 -5.15
N ALA A 452 39.33 11.23 -5.47
CA ALA A 452 39.19 10.82 -6.86
C ALA A 452 37.90 11.35 -7.46
N ALA A 453 36.82 11.34 -6.67
CA ALA A 453 35.57 11.91 -7.12
C ALA A 453 35.66 13.41 -7.33
N LEU A 454 36.62 14.07 -6.67
CA LEU A 454 36.87 15.48 -6.89
C LEU A 454 38.04 15.72 -7.84
N ASP A 455 38.62 14.65 -8.41
CA ASP A 455 39.69 14.79 -9.39
C ASP A 455 39.37 14.21 -10.76
N GLN A 456 38.49 13.22 -10.83
CA GLN A 456 38.17 12.59 -12.11
C GLN A 456 37.29 13.52 -12.95
N PRO A 457 37.61 13.74 -14.21
CA PRO A 457 36.81 14.64 -15.05
C PRO A 457 35.43 14.06 -15.35
N LEU A 458 34.52 14.97 -15.68
CA LEU A 458 33.14 14.59 -15.99
C LEU A 458 33.08 13.82 -17.31
N PRO A 459 32.16 12.87 -17.44
CA PRO A 459 31.97 12.20 -18.73
C PRO A 459 31.32 13.14 -19.74
N THR A 460 31.62 12.88 -21.02
CA THR A 460 31.09 13.73 -22.09
C THR A 460 29.58 13.56 -22.23
N THR A 461 29.13 12.31 -22.37
CA THR A 461 27.70 12.01 -22.45
C THR A 461 27.32 10.98 -21.39
N LEU A 462 26.11 10.45 -21.48
CA LEU A 462 25.66 9.34 -20.64
C LEU A 462 24.97 8.29 -21.49
N LYS A 463 25.52 8.01 -22.67
CA LYS A 463 25.00 6.96 -23.53
C LYS A 463 25.88 5.72 -23.59
N LYS A 464 27.17 5.85 -23.28
CA LYS A 464 28.07 4.72 -23.21
C LYS A 464 28.06 4.11 -21.81
N GLN A 465 28.48 2.84 -21.73
CA GLN A 465 28.44 2.11 -20.47
C GLN A 465 29.44 2.68 -19.47
N GLU A 466 30.66 3.01 -19.93
CA GLU A 466 31.70 3.48 -19.01
C GLU A 466 31.40 4.86 -18.44
N GLU A 467 30.64 5.67 -19.18
CA GLU A 467 30.22 6.97 -18.66
C GLU A 467 29.29 6.81 -17.46
N LYS A 468 28.31 5.91 -17.58
CA LYS A 468 27.44 5.59 -16.44
C LYS A 468 28.24 4.94 -15.31
N GLU A 469 29.25 4.14 -15.67
CA GLU A 469 30.12 3.50 -14.68
C GLU A 469 30.84 4.54 -13.82
N ILE A 470 31.54 5.47 -14.48
CA ILE A 470 32.33 6.46 -13.74
C ILE A 470 31.40 7.42 -13.01
N LEU A 471 30.23 7.72 -13.59
CA LEU A 471 29.27 8.58 -12.93
C LEU A 471 28.77 7.96 -11.63
N LYS A 472 28.42 6.66 -11.66
CA LYS A 472 27.87 6.03 -10.47
C LYS A 472 28.96 5.94 -9.40
N SER A 473 30.20 5.67 -9.82
CA SER A 473 31.30 5.65 -8.85
C SER A 473 31.47 6.99 -8.17
N GLN A 474 31.37 8.07 -8.97
CA GLN A 474 31.46 9.42 -8.43
C GLN A 474 30.33 9.72 -7.45
N LEU A 475 29.11 9.22 -7.72
CA LEU A 475 28.07 9.40 -6.72
C LEU A 475 28.32 8.58 -5.47
N ASP A 476 28.66 7.28 -5.61
CA ASP A 476 28.58 6.42 -4.43
C ASP A 476 29.74 6.63 -3.48
N SER A 477 30.90 7.10 -3.96
CA SER A 477 31.98 7.41 -3.03
C SER A 477 31.58 8.51 -2.06
N LEU A 478 31.03 9.61 -2.60
CA LEU A 478 30.55 10.70 -1.77
C LEU A 478 29.32 10.28 -0.95
N LEU A 479 28.51 9.35 -1.47
CA LEU A 479 27.37 8.86 -0.72
C LEU A 479 27.80 8.00 0.47
N GLY A 480 28.79 7.13 0.28
CA GLY A 480 29.34 6.38 1.39
C GLY A 480 30.04 7.27 2.38
N LEU A 481 30.62 8.38 1.90
CA LEU A 481 31.18 9.38 2.79
C LEU A 481 30.09 10.01 3.67
N TYR A 482 28.92 10.31 3.09
CA TYR A 482 27.77 10.68 3.91
C TYR A 482 27.39 9.60 4.91
N HIS A 483 27.32 8.35 4.47
CA HIS A 483 26.85 7.28 5.34
C HIS A 483 27.84 6.99 6.47
N LEU A 484 29.12 7.31 6.26
CA LEU A 484 30.09 7.30 7.35
C LEU A 484 29.96 8.54 8.22
N LEU A 485 29.59 9.69 7.65
CA LEU A 485 29.35 10.89 8.45
C LEU A 485 27.97 10.90 9.12
N ASP A 486 27.08 9.98 8.77
CA ASP A 486 25.85 9.79 9.54
C ASP A 486 26.08 9.02 10.82
N TRP A 487 27.29 8.53 11.05
CA TRP A 487 27.60 7.69 12.21
C TRP A 487 27.47 8.49 13.50
N PHE A 488 28.03 9.69 13.51
CA PHE A 488 28.03 10.52 14.71
C PHE A 488 26.64 11.07 14.99
N ALA A 489 26.38 11.34 16.26
CA ALA A 489 25.08 11.84 16.69
C ALA A 489 24.95 13.30 16.26
N VAL A 490 24.24 13.54 15.16
CA VAL A 490 24.01 14.91 14.70
C VAL A 490 23.09 15.66 15.65
N ASP A 491 22.21 14.97 16.35
CA ASP A 491 21.36 15.60 17.36
C ASP A 491 22.13 15.72 18.67
N GLU A 492 22.00 16.87 19.32
CA GLU A 492 22.68 17.11 20.59
C GLU A 492 21.82 16.67 21.77
N SER A 493 21.53 15.36 21.79
CA SER A 493 20.80 14.76 22.90
C SER A 493 21.68 14.55 24.12
N ASN A 494 23.00 14.73 24.00
CA ASN A 494 23.95 14.62 25.09
C ASN A 494 24.77 15.90 25.17
N GLU A 495 25.80 15.89 26.01
CA GLU A 495 26.68 17.04 26.19
C GLU A 495 27.75 17.01 25.11
N VAL A 496 27.63 17.88 24.11
CA VAL A 496 28.53 17.94 22.98
C VAL A 496 29.13 19.33 22.92
N ASP A 497 30.46 19.41 22.72
CA ASP A 497 31.12 20.70 22.58
C ASP A 497 30.68 21.36 21.28
N PRO A 498 30.22 22.62 21.31
CA PRO A 498 29.54 23.20 20.14
C PRO A 498 30.44 23.45 18.93
N GLU A 499 31.76 23.52 19.09
CA GLU A 499 32.59 23.82 17.93
C GLU A 499 32.72 22.62 16.99
N PHE A 500 32.80 21.40 17.54
CA PHE A 500 32.76 20.21 16.70
C PHE A 500 31.39 20.03 16.08
N SER A 501 30.32 20.36 16.82
CA SER A 501 28.98 20.32 16.26
C SER A 501 28.85 21.28 15.09
N ALA A 502 29.43 22.48 15.23
CA ALA A 502 29.42 23.46 14.15
C ALA A 502 30.18 22.95 12.93
N ARG A 503 31.35 22.32 13.15
CA ARG A 503 32.13 21.84 12.01
C ARG A 503 31.45 20.68 11.29
N LEU A 504 30.93 19.70 12.03
CA LEU A 504 30.21 18.60 11.39
C LEU A 504 28.94 19.08 10.70
N THR A 505 28.20 20.02 11.29
CA THR A 505 27.00 20.50 10.63
C THR A 505 27.32 21.35 9.41
N GLY A 506 28.41 22.13 9.45
CA GLY A 506 28.80 22.90 8.29
C GLY A 506 29.22 22.03 7.12
N ILE A 507 30.06 21.02 7.38
CA ILE A 507 30.44 20.12 6.31
C ILE A 507 29.29 19.19 5.93
N LYS A 508 28.29 19.04 6.79
CA LYS A 508 27.09 18.29 6.44
C LYS A 508 26.22 19.07 5.47
N LEU A 509 26.00 20.36 5.76
CA LEU A 509 25.12 21.18 4.93
C LEU A 509 25.81 21.68 3.67
N GLU A 510 27.15 21.60 3.60
CA GLU A 510 27.84 21.92 2.36
C GLU A 510 27.50 20.91 1.27
N MET A 511 27.36 19.64 1.63
CA MET A 511 27.23 18.56 0.67
C MET A 511 26.12 17.58 1.03
N GLU A 512 25.10 18.06 1.73
CA GLU A 512 23.86 17.31 1.92
C GLU A 512 23.14 16.89 0.64
N PRO A 513 22.92 17.73 -0.39
CA PRO A 513 22.06 17.30 -1.51
C PRO A 513 22.63 16.21 -2.40
N SER A 514 23.80 15.64 -2.07
CA SER A 514 24.36 14.55 -2.88
C SER A 514 23.44 13.35 -2.93
N LEU A 515 22.69 13.09 -1.84
CA LEU A 515 21.66 12.06 -1.88
C LEU A 515 20.56 12.42 -2.88
N SER A 516 20.22 13.71 -2.98
CA SER A 516 19.20 14.13 -3.94
C SER A 516 19.68 13.94 -5.38
N PHE A 517 20.93 14.31 -5.68
CA PHE A 517 21.44 14.03 -7.03
C PHE A 517 21.61 12.53 -7.28
N TYR A 518 21.91 11.74 -6.25
CA TYR A 518 21.96 10.29 -6.41
C TYR A 518 20.58 9.73 -6.79
N ASN A 519 19.54 10.16 -6.09
CA ASN A 519 18.18 9.71 -6.40
C ASN A 519 17.75 10.18 -7.77
N LYS A 520 18.08 11.43 -8.13
CA LYS A 520 17.69 11.95 -9.44
C LYS A 520 18.43 11.23 -10.57
N ALA A 521 19.71 10.93 -10.37
CA ALA A 521 20.47 10.18 -11.37
C ALA A 521 19.94 8.76 -11.51
N ARG A 522 19.58 8.12 -10.39
CA ARG A 522 19.02 6.78 -10.45
C ARG A 522 17.68 6.76 -11.17
N ASN A 523 16.80 7.71 -10.87
CA ASN A 523 15.50 7.71 -11.52
C ASN A 523 15.60 8.13 -12.99
N TYR A 524 16.57 8.98 -13.33
CA TYR A 524 16.79 9.33 -14.74
C TYR A 524 17.31 8.14 -15.53
N ALA A 525 18.34 7.47 -15.03
CA ALA A 525 18.90 6.32 -15.74
C ALA A 525 18.02 5.09 -15.64
N THR A 526 16.99 5.12 -14.80
CA THR A 526 16.13 3.97 -14.56
C THR A 526 14.85 3.97 -15.39
N LYS A 527 14.21 5.13 -15.57
CA LYS A 527 12.78 5.20 -15.85
C LYS A 527 12.34 4.48 -17.13
N LYS A 528 12.68 5.02 -18.31
CA LYS A 528 12.15 4.67 -19.61
C LYS A 528 12.87 5.48 -20.68
N PRO A 529 12.96 5.02 -21.92
CA PRO A 529 13.43 5.88 -23.02
C PRO A 529 12.33 6.56 -23.83
N TYR A 530 11.07 6.41 -23.43
CA TYR A 530 9.95 7.03 -24.14
C TYR A 530 9.39 8.19 -23.32
N SER A 531 8.60 9.03 -23.99
CA SER A 531 7.89 10.12 -23.34
C SER A 531 6.40 9.79 -23.40
N VAL A 532 5.87 9.28 -22.27
CA VAL A 532 4.47 8.90 -22.18
C VAL A 532 3.56 10.09 -21.91
N GLU A 533 4.11 11.30 -21.83
CA GLU A 533 3.34 12.49 -21.50
C GLU A 533 2.32 12.80 -22.60
N LYS A 534 1.08 13.05 -22.18
CA LYS A 534 -0.02 13.33 -23.10
C LYS A 534 -0.91 14.40 -22.48
N PHE A 535 -1.65 15.10 -23.33
CA PHE A 535 -2.54 16.13 -22.83
C PHE A 535 -3.96 15.90 -23.36
N LYS A 536 -4.94 16.27 -22.54
CA LYS A 536 -6.33 15.98 -22.86
C LYS A 536 -6.83 16.92 -23.96
N LEU A 537 -7.29 16.34 -25.06
CA LEU A 537 -7.96 17.11 -26.09
C LEU A 537 -9.39 17.42 -25.68
N ASN A 538 -9.87 18.58 -26.10
CA ASN A 538 -11.24 18.97 -25.81
C ASN A 538 -12.02 19.46 -27.02
N PHE A 539 -11.36 19.75 -28.15
CA PHE A 539 -12.00 20.16 -29.40
C PHE A 539 -12.88 21.40 -29.22
N GLN A 540 -12.43 22.31 -28.35
CA GLN A 540 -13.13 23.57 -28.03
C GLN A 540 -14.55 23.32 -27.54
N MET A 541 -14.72 22.28 -26.72
CA MET A 541 -16.01 21.88 -26.18
C MET A 541 -15.96 21.93 -24.66
N PRO A 542 -16.91 22.60 -24.01
CA PRO A 542 -16.97 22.55 -22.54
C PRO A 542 -17.12 21.15 -21.98
N THR A 543 -17.93 20.31 -22.60
CA THR A 543 -18.38 19.05 -22.03
C THR A 543 -18.22 17.91 -23.02
N LEU A 544 -17.05 17.86 -23.65
CA LEU A 544 -16.78 16.88 -24.70
C LEU A 544 -16.76 15.47 -24.13
N ALA A 545 -17.64 14.61 -24.65
CA ALA A 545 -17.73 13.19 -24.30
C ALA A 545 -17.97 12.95 -22.82
N SER A 546 -18.64 13.89 -22.15
CA SER A 546 -19.04 13.67 -20.77
C SER A 546 -20.19 12.69 -20.68
N GLY A 547 -21.09 12.71 -21.66
CA GLY A 547 -22.16 11.75 -21.74
C GLY A 547 -22.49 11.48 -23.20
N TRP A 548 -23.21 10.38 -23.43
CA TRP A 548 -23.58 9.96 -24.77
C TRP A 548 -25.07 10.02 -25.02
N ASP A 549 -25.84 10.55 -24.07
CA ASP A 549 -27.30 10.48 -24.15
C ASP A 549 -27.80 11.34 -25.32
N VAL A 550 -28.88 10.87 -25.95
CA VAL A 550 -29.32 11.45 -27.21
C VAL A 550 -29.90 12.85 -27.05
N ASN A 551 -30.33 13.23 -25.84
CA ASN A 551 -30.73 14.62 -25.62
C ASN A 551 -29.53 15.53 -25.43
N LYS A 552 -28.45 15.02 -24.82
CA LYS A 552 -27.20 15.75 -24.69
C LYS A 552 -26.23 15.44 -25.81
N GLU A 553 -26.72 14.85 -26.91
CA GLU A 553 -25.87 14.54 -28.05
C GLU A 553 -25.37 15.81 -28.72
N LYS A 554 -26.13 16.90 -28.62
CA LYS A 554 -25.77 18.15 -29.29
C LYS A 554 -24.58 18.81 -28.61
N ASN A 555 -24.59 18.89 -27.28
CA ASN A 555 -23.56 19.64 -26.57
C ASN A 555 -22.30 18.79 -26.33
N ASN A 556 -22.48 17.52 -25.95
CA ASN A 556 -21.32 16.68 -25.68
C ASN A 556 -20.59 16.33 -26.98
N GLY A 557 -21.32 16.03 -28.04
CA GLY A 557 -20.72 15.76 -29.33
C GLY A 557 -19.87 14.51 -29.41
N ALA A 558 -20.36 13.39 -28.87
CA ALA A 558 -19.63 12.13 -28.94
C ALA A 558 -20.62 11.00 -29.18
N ILE A 559 -20.40 10.25 -30.27
CA ILE A 559 -21.22 9.10 -30.61
C ILE A 559 -20.32 7.97 -31.06
N LEU A 560 -20.85 6.75 -31.05
CA LEU A 560 -20.12 5.61 -31.59
C LEU A 560 -20.94 4.86 -32.62
N PHE A 561 -20.26 4.49 -33.71
CA PHE A 561 -20.82 3.72 -34.81
C PHE A 561 -20.26 2.31 -34.79
N VAL A 562 -21.02 1.38 -35.35
CA VAL A 562 -20.60 -0.02 -35.47
C VAL A 562 -20.79 -0.44 -36.92
N LYS A 563 -19.75 -1.01 -37.52
CA LYS A 563 -19.82 -1.45 -38.91
C LYS A 563 -18.85 -2.59 -39.15
N ASN A 564 -19.40 -3.75 -39.52
CA ASN A 564 -18.62 -4.94 -39.91
C ASN A 564 -17.67 -5.39 -38.81
N GLY A 565 -18.11 -5.26 -37.56
CA GLY A 565 -17.29 -5.61 -36.42
C GLY A 565 -16.34 -4.52 -35.98
N LEU A 566 -16.15 -3.48 -36.78
CA LEU A 566 -15.30 -2.36 -36.40
C LEU A 566 -16.11 -1.30 -35.67
N TYR A 567 -15.42 -0.55 -34.81
CA TYR A 567 -16.04 0.44 -33.95
C TYR A 567 -15.46 1.81 -34.26
N TYR A 568 -16.34 2.81 -34.36
CA TYR A 568 -15.95 4.15 -34.73
C TYR A 568 -16.45 5.15 -33.70
N LEU A 569 -15.67 6.20 -33.48
CA LEU A 569 -16.05 7.31 -32.62
C LEU A 569 -16.24 8.55 -33.48
N GLY A 570 -17.42 9.14 -33.43
CA GLY A 570 -17.70 10.36 -34.13
C GLY A 570 -17.83 11.53 -33.19
N ILE A 571 -17.03 12.57 -33.41
CA ILE A 571 -17.08 13.80 -32.62
C ILE A 571 -17.48 14.91 -33.57
N MET A 572 -18.62 15.56 -33.28
CA MET A 572 -19.10 16.62 -34.14
C MET A 572 -18.80 17.95 -33.49
N PRO A 573 -17.83 18.71 -33.98
CA PRO A 573 -17.44 19.96 -33.33
C PRO A 573 -18.38 21.10 -33.71
N LYS A 574 -18.20 22.23 -33.04
CA LYS A 574 -18.94 23.43 -33.37
C LYS A 574 -18.48 23.98 -34.71
N GLN A 575 -19.44 24.36 -35.55
CA GLN A 575 -19.17 24.86 -36.89
C GLN A 575 -19.34 26.37 -36.90
N LYS A 576 -18.32 27.07 -37.40
CA LYS A 576 -18.15 28.54 -37.34
C LYS A 576 -18.64 29.13 -36.01
N GLY A 577 -18.19 28.53 -34.91
CA GLY A 577 -18.54 29.00 -33.59
C GLY A 577 -19.94 28.65 -33.13
N ARG A 578 -20.62 27.75 -33.81
CA ARG A 578 -21.97 27.35 -33.44
C ARG A 578 -22.15 25.86 -33.63
N TYR A 579 -23.02 25.26 -32.82
CA TYR A 579 -23.30 23.83 -32.90
C TYR A 579 -24.23 23.59 -34.08
N LYS A 580 -23.66 23.19 -35.21
CA LYS A 580 -24.45 22.84 -36.38
C LYS A 580 -25.18 21.53 -36.09
N ALA A 581 -26.48 21.63 -35.82
CA ALA A 581 -27.28 20.49 -35.37
C ALA A 581 -27.57 19.57 -36.57
N LEU A 582 -26.56 18.83 -36.98
CA LEU A 582 -26.74 17.82 -38.02
C LEU A 582 -27.51 16.63 -37.45
N SER A 583 -28.46 16.13 -38.24
CA SER A 583 -29.34 15.05 -37.83
C SER A 583 -29.08 13.82 -38.67
N PHE A 584 -28.97 12.67 -38.01
CA PHE A 584 -28.77 11.40 -38.68
C PHE A 584 -30.11 10.67 -38.78
N GLU A 585 -30.41 10.18 -39.98
CA GLU A 585 -31.73 9.61 -40.21
C GLU A 585 -31.70 8.10 -40.09
N PRO A 586 -32.76 7.49 -39.56
CA PRO A 586 -32.85 6.03 -39.57
C PRO A 586 -32.98 5.49 -40.98
N THR A 587 -32.49 4.26 -41.17
CA THR A 587 -32.39 3.64 -42.48
C THR A 587 -32.67 2.15 -42.31
N GLU A 588 -33.31 1.56 -43.33
CA GLU A 588 -33.61 0.13 -43.31
C GLU A 588 -32.30 -0.67 -43.23
N LYS A 589 -32.36 -1.80 -42.52
CA LYS A 589 -31.16 -2.42 -41.95
C LYS A 589 -30.23 -2.97 -43.01
N THR A 590 -30.76 -3.59 -44.07
CA THR A 590 -29.89 -4.24 -45.04
C THR A 590 -29.13 -3.25 -45.93
N SER A 591 -29.48 -1.97 -45.89
CA SER A 591 -28.69 -0.96 -46.59
C SER A 591 -27.33 -0.81 -45.92
N GLU A 592 -26.30 -0.56 -46.73
CA GLU A 592 -24.94 -0.45 -46.22
C GLU A 592 -24.78 0.84 -45.44
N GLY A 593 -24.24 0.73 -44.22
CA GLY A 593 -24.01 1.91 -43.41
C GLY A 593 -23.67 1.55 -41.99
N PHE A 594 -23.28 2.58 -41.25
CA PHE A 594 -22.90 2.43 -39.85
C PHE A 594 -24.13 2.25 -38.97
N ASP A 595 -23.92 1.64 -37.80
CA ASP A 595 -24.96 1.42 -36.81
C ASP A 595 -24.66 2.30 -35.59
N LYS A 596 -25.57 3.23 -35.31
CA LYS A 596 -25.40 4.22 -34.24
C LYS A 596 -26.36 3.91 -33.10
N MET A 597 -25.89 4.07 -31.87
CA MET A 597 -26.73 3.77 -30.72
C MET A 597 -27.57 4.99 -30.35
N TYR A 598 -28.69 4.72 -29.65
CA TYR A 598 -29.56 5.74 -29.11
C TYR A 598 -29.54 5.56 -27.60
N TYR A 599 -28.56 6.17 -26.96
CA TYR A 599 -28.33 5.98 -25.53
C TYR A 599 -29.43 6.69 -24.75
N ASP A 600 -29.99 6.00 -23.75
CA ASP A 600 -31.02 6.58 -22.91
C ASP A 600 -30.67 6.31 -21.45
N TYR A 601 -30.66 7.38 -20.65
CA TYR A 601 -30.25 7.28 -19.26
C TYR A 601 -31.01 8.30 -18.42
N PHE A 602 -31.47 7.86 -17.26
CA PHE A 602 -31.88 8.75 -16.18
C PHE A 602 -30.91 8.54 -15.04
N PRO A 603 -29.89 9.38 -14.90
CA PRO A 603 -28.72 9.03 -14.08
C PRO A 603 -28.99 9.06 -12.60
N ASP A 604 -28.97 7.89 -11.95
CA ASP A 604 -28.98 7.76 -10.50
C ASP A 604 -30.24 8.40 -9.91
N ALA A 605 -31.37 7.74 -10.19
CA ALA A 605 -32.71 8.25 -9.92
C ALA A 605 -32.94 8.75 -8.49
N ALA A 606 -32.09 8.36 -7.53
CA ALA A 606 -32.15 8.94 -6.20
C ALA A 606 -31.86 10.44 -6.20
N LYS A 607 -31.11 10.95 -7.18
CA LYS A 607 -30.72 12.35 -7.22
C LYS A 607 -31.36 13.13 -8.36
N MET A 608 -31.99 12.47 -9.32
CA MET A 608 -32.73 13.20 -10.35
C MET A 608 -34.21 13.36 -10.04
N ILE A 609 -34.77 12.45 -9.23
CA ILE A 609 -36.19 12.56 -8.90
C ILE A 609 -36.41 13.74 -7.95
N PRO A 610 -35.55 14.00 -6.93
CA PRO A 610 -35.54 15.34 -6.35
C PRO A 610 -35.21 16.46 -7.31
N LYS A 611 -34.35 16.23 -8.31
CA LYS A 611 -33.87 17.36 -9.11
C LYS A 611 -34.97 17.89 -10.02
N CYS A 612 -35.72 17.01 -10.67
CA CYS A 612 -36.76 17.41 -11.59
C CYS A 612 -38.12 17.57 -10.92
N SER A 613 -38.22 17.37 -9.61
CA SER A 613 -39.48 17.55 -8.91
C SER A 613 -39.21 17.84 -7.44
N THR A 614 -39.93 18.83 -6.90
CA THR A 614 -39.85 19.35 -5.54
C THR A 614 -38.50 19.98 -5.19
N GLN A 615 -37.65 20.28 -6.18
CA GLN A 615 -36.50 21.14 -5.93
C GLN A 615 -36.27 22.17 -7.04
N LEU A 616 -37.23 22.38 -7.93
CA LEU A 616 -37.13 23.48 -8.87
C LEU A 616 -37.29 24.79 -8.12
N LYS A 617 -36.87 25.89 -8.76
CA LYS A 617 -37.04 27.20 -8.14
C LYS A 617 -38.51 27.57 -8.01
N ALA A 618 -39.34 27.15 -8.96
CA ALA A 618 -40.76 27.50 -8.94
C ALA A 618 -41.49 26.85 -7.77
N VAL A 619 -41.21 25.58 -7.51
CA VAL A 619 -41.96 24.87 -6.46
C VAL A 619 -41.55 25.38 -5.08
N THR A 620 -40.25 25.65 -4.85
CA THR A 620 -39.87 26.18 -3.55
C THR A 620 -40.29 27.63 -3.40
N ALA A 621 -40.41 28.37 -4.50
CA ALA A 621 -40.91 29.74 -4.40
C ALA A 621 -42.39 29.76 -4.12
N HIS A 622 -43.13 28.80 -4.66
CA HIS A 622 -44.57 28.71 -4.42
C HIS A 622 -44.87 28.20 -3.01
N PHE A 623 -44.06 27.27 -2.50
CA PHE A 623 -44.38 26.62 -1.23
C PHE A 623 -44.06 27.47 -0.01
N GLN A 624 -43.39 28.61 -0.16
CA GLN A 624 -43.19 29.50 0.99
C GLN A 624 -44.48 30.19 1.38
N THR A 625 -45.24 30.68 0.40
CA THR A 625 -46.40 31.53 0.65
C THR A 625 -47.72 30.82 0.36
N HIS A 626 -47.72 29.49 0.19
CA HIS A 626 -48.93 28.77 -0.12
C HIS A 626 -48.94 27.43 0.61
N THR A 627 -50.14 26.87 0.72
CA THR A 627 -50.32 25.51 1.24
C THR A 627 -51.07 24.61 0.27
N THR A 628 -51.59 25.14 -0.83
CA THR A 628 -52.27 24.33 -1.82
C THR A 628 -51.28 23.50 -2.61
N PRO A 629 -51.70 22.32 -3.10
CA PRO A 629 -50.82 21.54 -3.98
C PRO A 629 -50.55 22.26 -5.29
N ILE A 630 -49.40 21.96 -5.89
CA ILE A 630 -48.96 22.61 -7.11
C ILE A 630 -48.96 21.57 -8.23
N LEU A 631 -49.39 21.99 -9.41
CA LEU A 631 -49.43 21.12 -10.58
C LEU A 631 -48.35 21.54 -11.57
N LEU A 632 -47.50 20.60 -11.96
CA LEU A 632 -46.39 20.86 -12.86
C LEU A 632 -46.73 20.31 -14.24
N SER A 633 -46.45 21.11 -15.27
CA SER A 633 -46.76 20.70 -16.64
C SER A 633 -45.64 21.07 -17.60
N ASN A 634 -44.40 21.12 -17.11
CA ASN A 634 -43.23 21.43 -17.94
C ASN A 634 -42.43 20.14 -18.11
N ASN A 635 -42.20 19.76 -19.37
CA ASN A 635 -41.60 18.47 -19.74
C ASN A 635 -42.38 17.30 -19.14
N PHE A 636 -43.71 17.45 -19.12
CA PHE A 636 -44.61 16.41 -18.63
C PHE A 636 -45.72 16.23 -19.65
N ILE A 637 -46.15 14.98 -19.84
CA ILE A 637 -47.30 14.72 -20.72
C ILE A 637 -48.62 15.05 -20.03
N GLU A 638 -48.65 15.02 -18.70
CA GLU A 638 -49.84 15.34 -17.94
C GLU A 638 -49.41 16.07 -16.67
N PRO A 639 -50.27 16.93 -16.12
CA PRO A 639 -49.87 17.69 -14.92
C PRO A 639 -49.66 16.79 -13.72
N LEU A 640 -48.49 16.89 -13.12
CA LEU A 640 -48.14 16.08 -11.95
C LEU A 640 -48.38 16.91 -10.69
N GLU A 641 -49.03 16.29 -9.71
CA GLU A 641 -49.47 16.97 -8.50
C GLU A 641 -48.45 16.79 -7.38
N ILE A 642 -48.01 17.89 -6.78
CA ILE A 642 -47.13 17.87 -5.63
C ILE A 642 -47.89 18.49 -4.46
N THR A 643 -48.16 17.69 -3.45
CA THR A 643 -48.81 18.15 -2.23
C THR A 643 -47.78 18.55 -1.19
N LYS A 644 -48.26 19.26 -0.16
CA LYS A 644 -47.35 19.90 0.80
C LYS A 644 -46.59 18.87 1.64
N GLU A 645 -47.23 17.78 2.03
CA GLU A 645 -46.61 16.80 2.93
C GLU A 645 -45.39 16.14 2.30
N ILE A 646 -45.43 15.86 0.98
CA ILE A 646 -44.24 15.30 0.34
C ILE A 646 -43.11 16.34 0.29
N TYR A 647 -43.45 17.64 0.25
CA TYR A 647 -42.40 18.65 0.28
C TYR A 647 -41.78 18.76 1.67
N ASP A 648 -42.57 18.57 2.73
CA ASP A 648 -41.95 18.48 4.05
C ASP A 648 -41.18 17.18 4.23
N LEU A 649 -41.61 16.10 3.57
CA LEU A 649 -40.86 14.84 3.64
C LEU A 649 -39.49 14.98 2.98
N ASN A 650 -39.42 15.63 1.81
CA ASN A 650 -38.13 15.76 1.14
C ASN A 650 -37.31 16.92 1.68
N ASN A 651 -37.96 17.98 2.16
CA ASN A 651 -37.28 19.18 2.63
C ASN A 651 -37.74 19.48 4.06
N PRO A 652 -37.14 18.83 5.06
CA PRO A 652 -37.44 19.15 6.44
C PRO A 652 -36.61 20.23 7.14
N GLU A 653 -36.84 20.35 8.45
CA GLU A 653 -36.04 21.26 9.27
C GLU A 653 -34.70 20.65 9.64
N LYS A 654 -34.67 19.34 9.90
CA LYS A 654 -33.46 18.65 10.28
C LYS A 654 -32.83 17.95 9.08
N GLU A 655 -31.55 17.57 9.25
CA GLU A 655 -30.83 16.90 8.17
C GLU A 655 -31.41 15.53 7.78
N PRO A 656 -31.70 14.60 8.70
CA PRO A 656 -32.28 13.32 8.25
C PRO A 656 -33.73 13.50 7.82
N LYS A 657 -34.04 13.01 6.62
CA LYS A 657 -35.40 13.06 6.12
C LYS A 657 -36.27 12.05 6.86
N LYS A 658 -37.59 12.19 6.68
CA LYS A 658 -38.54 11.35 7.39
C LYS A 658 -38.48 9.91 6.90
N PHE A 659 -38.33 9.70 5.60
CA PHE A 659 -38.24 8.36 5.03
C PHE A 659 -36.83 7.79 5.02
N GLN A 660 -35.83 8.55 5.48
CA GLN A 660 -34.50 7.98 5.63
C GLN A 660 -34.44 7.05 6.84
N THR A 661 -33.60 6.01 6.72
CA THR A 661 -33.43 5.08 7.83
C THR A 661 -32.66 5.68 9.00
N ALA A 662 -31.96 6.81 8.78
CA ALA A 662 -31.36 7.52 9.89
C ALA A 662 -32.41 8.04 10.85
N TYR A 663 -33.58 8.43 10.33
CA TYR A 663 -34.71 8.78 11.18
C TYR A 663 -35.17 7.58 12.01
N ALA A 664 -35.20 6.38 11.40
CA ALA A 664 -35.60 5.18 12.13
C ALA A 664 -34.59 4.83 13.22
N LYS A 665 -33.31 5.00 12.94
CA LYS A 665 -32.29 4.74 13.96
C LYS A 665 -32.33 5.76 15.08
N LYS A 666 -32.56 7.03 14.74
CA LYS A 666 -32.50 8.09 15.75
C LYS A 666 -33.75 8.12 16.62
N THR A 667 -34.94 7.91 16.04
CA THR A 667 -36.18 8.02 16.79
C THR A 667 -36.76 6.68 17.20
N GLY A 668 -36.76 5.69 16.31
CA GLY A 668 -37.41 4.42 16.58
C GLY A 668 -38.88 4.39 16.24
N ASP A 669 -39.47 5.49 15.78
CA ASP A 669 -40.87 5.51 15.38
C ASP A 669 -40.98 4.85 14.01
N GLN A 670 -41.21 3.54 14.00
CA GLN A 670 -41.20 2.79 12.75
C GLN A 670 -42.49 2.95 11.96
N LYS A 671 -43.62 3.18 12.64
CA LYS A 671 -44.91 3.22 11.96
C LYS A 671 -45.02 4.45 11.06
N GLY A 672 -44.72 5.63 11.59
CA GLY A 672 -44.74 6.84 10.78
C GLY A 672 -43.65 6.83 9.71
N TYR A 673 -42.51 6.21 10.02
CA TYR A 673 -41.46 5.98 9.03
C TYR A 673 -41.97 5.17 7.85
N ARG A 674 -42.68 4.06 8.12
CA ARG A 674 -43.15 3.21 7.05
C ARG A 674 -44.26 3.90 6.25
N GLU A 675 -45.11 4.67 6.94
CA GLU A 675 -46.15 5.41 6.25
C GLU A 675 -45.57 6.49 5.33
N ALA A 676 -44.56 7.22 5.80
CA ALA A 676 -43.92 8.23 4.97
C ALA A 676 -43.14 7.62 3.82
N LEU A 677 -42.50 6.47 4.06
CA LEU A 677 -41.81 5.77 2.98
C LEU A 677 -42.80 5.32 1.91
N CYS A 678 -43.97 4.82 2.33
CA CYS A 678 -45.00 4.44 1.38
C CYS A 678 -45.51 5.63 0.57
N LYS A 679 -45.71 6.77 1.24
CA LYS A 679 -46.17 7.97 0.54
C LYS A 679 -45.15 8.46 -0.48
N TRP A 680 -43.87 8.50 -0.10
CA TRP A 680 -42.81 8.90 -1.02
C TRP A 680 -42.67 7.91 -2.17
N ILE A 681 -42.81 6.61 -1.89
CA ILE A 681 -42.64 5.61 -2.93
C ILE A 681 -43.79 5.67 -3.93
N ASP A 682 -45.00 5.90 -3.42
CA ASP A 682 -46.16 6.13 -4.28
C ASP A 682 -45.98 7.37 -5.15
N PHE A 683 -45.42 8.44 -4.57
CA PHE A 683 -45.17 9.64 -5.36
C PHE A 683 -44.13 9.38 -6.44
N THR A 684 -43.08 8.60 -6.12
CA THR A 684 -42.07 8.27 -7.12
C THR A 684 -42.66 7.43 -8.25
N ARG A 685 -43.48 6.44 -7.91
CA ARG A 685 -44.12 5.61 -8.94
C ARG A 685 -45.07 6.43 -9.80
N ASP A 686 -45.76 7.40 -9.19
CA ASP A 686 -46.62 8.29 -9.97
C ASP A 686 -45.80 9.21 -10.87
N PHE A 687 -44.62 9.62 -10.40
CA PHE A 687 -43.78 10.53 -11.18
C PHE A 687 -43.21 9.80 -12.39
N LEU A 688 -42.81 8.53 -12.22
CA LEU A 688 -42.12 7.77 -13.28
C LEU A 688 -42.96 7.57 -14.54
N SER A 689 -44.29 7.69 -14.45
CA SER A 689 -45.14 7.41 -15.61
C SER A 689 -45.50 8.65 -16.42
N LYS A 690 -45.07 9.83 -16.00
CA LYS A 690 -45.50 11.06 -16.68
C LYS A 690 -44.38 12.01 -17.10
N TYR A 691 -43.14 11.79 -16.66
CA TYR A 691 -42.03 12.58 -17.19
C TYR A 691 -41.74 12.12 -18.62
N THR A 692 -41.47 13.10 -19.50
CA THR A 692 -41.36 12.83 -20.94
C THR A 692 -40.13 12.01 -21.32
N LYS A 693 -39.19 11.81 -20.40
CA LYS A 693 -38.03 10.96 -20.66
C LYS A 693 -38.24 9.54 -20.15
N THR A 694 -38.93 9.37 -19.03
CA THR A 694 -39.11 8.06 -18.41
C THR A 694 -40.49 7.48 -18.65
N THR A 695 -41.27 8.04 -19.56
CA THR A 695 -42.63 7.54 -19.78
C THR A 695 -42.66 6.26 -20.61
N SER A 696 -41.63 6.00 -21.42
CA SER A 696 -41.62 4.83 -22.30
C SER A 696 -41.04 3.60 -21.62
N ILE A 697 -40.69 3.70 -20.35
CA ILE A 697 -40.06 2.60 -19.61
C ILE A 697 -41.14 1.76 -18.95
N ASP A 698 -40.99 0.44 -19.03
CA ASP A 698 -41.92 -0.47 -18.38
C ASP A 698 -41.53 -0.65 -16.92
N LEU A 699 -42.50 -0.44 -16.02
CA LEU A 699 -42.27 -0.51 -14.58
C LEU A 699 -43.06 -1.64 -13.92
N SER A 700 -43.49 -2.63 -14.70
CA SER A 700 -44.20 -3.77 -14.15
C SER A 700 -43.29 -4.77 -13.44
N SER A 701 -41.97 -4.59 -13.56
CA SER A 701 -41.02 -5.45 -12.85
C SER A 701 -40.88 -5.08 -11.38
N LEU A 702 -41.49 -4.00 -10.93
CA LEU A 702 -41.37 -3.57 -9.53
C LEU A 702 -42.49 -4.19 -8.70
N ARG A 703 -42.13 -4.68 -7.52
CA ARG A 703 -43.11 -5.07 -6.53
C ARG A 703 -43.79 -3.83 -5.95
N PRO A 704 -45.00 -3.97 -5.40
CA PRO A 704 -45.74 -2.81 -4.89
C PRO A 704 -45.05 -2.09 -3.73
N SER A 705 -45.64 -0.97 -3.35
CA SER A 705 -45.01 -0.01 -2.45
C SER A 705 -44.82 -0.57 -1.04
N SER A 706 -45.84 -1.24 -0.51
CA SER A 706 -45.79 -1.68 0.88
C SER A 706 -44.81 -2.82 1.12
N GLN A 707 -44.34 -3.47 0.06
CA GLN A 707 -43.44 -4.61 0.20
C GLN A 707 -41.98 -4.20 0.34
N TYR A 708 -41.66 -2.91 0.31
CA TYR A 708 -40.28 -2.46 0.42
C TYR A 708 -39.92 -2.23 1.88
N LYS A 709 -38.82 -2.86 2.31
CA LYS A 709 -38.39 -2.72 3.69
C LYS A 709 -37.84 -1.32 3.96
N ASP A 710 -37.01 -0.81 3.07
CA ASP A 710 -36.42 0.52 3.21
C ASP A 710 -36.34 1.16 1.82
N LEU A 711 -35.64 2.29 1.74
CA LEU A 711 -35.60 3.08 0.51
C LEU A 711 -34.44 2.72 -0.41
N GLY A 712 -33.30 2.34 0.15
CA GLY A 712 -32.11 2.10 -0.67
C GLY A 712 -32.25 0.93 -1.62
N GLU A 713 -32.97 -0.11 -1.20
CA GLU A 713 -33.22 -1.25 -2.09
C GLU A 713 -34.08 -0.83 -3.28
N TYR A 714 -35.04 0.08 -3.06
CA TYR A 714 -35.87 0.55 -4.14
C TYR A 714 -35.05 1.28 -5.20
N TYR A 715 -34.14 2.17 -4.78
CA TYR A 715 -33.33 2.89 -5.74
C TYR A 715 -32.34 1.97 -6.43
N ALA A 716 -31.77 1.02 -5.68
CA ALA A 716 -30.83 0.06 -6.27
C ALA A 716 -31.49 -0.88 -7.27
N GLU A 717 -32.79 -1.13 -7.14
CA GLU A 717 -33.48 -1.93 -8.13
C GLU A 717 -34.05 -1.08 -9.27
N LEU A 718 -34.42 0.18 -8.99
CA LEU A 718 -34.98 1.07 -10.00
C LEU A 718 -33.93 1.60 -10.97
N ASN A 719 -32.70 1.84 -10.50
CA ASN A 719 -31.67 2.41 -11.36
C ASN A 719 -31.32 1.59 -12.60
N PRO A 720 -31.19 0.24 -12.58
CA PRO A 720 -30.91 -0.47 -13.83
C PRO A 720 -32.05 -0.45 -14.83
N LEU A 721 -33.28 -0.11 -14.42
CA LEU A 721 -34.40 -0.07 -15.35
C LEU A 721 -34.40 1.17 -16.24
N LEU A 722 -33.60 2.19 -15.92
CA LEU A 722 -33.68 3.49 -16.56
C LEU A 722 -32.60 3.70 -17.61
N TYR A 723 -31.83 2.66 -17.93
CA TYR A 723 -30.72 2.76 -18.88
C TYR A 723 -30.96 1.79 -20.02
N HIS A 724 -30.77 2.27 -21.25
CA HIS A 724 -31.07 1.44 -22.42
C HIS A 724 -30.27 1.90 -23.63
N ILE A 725 -29.72 0.95 -24.36
CA ILE A 725 -29.01 1.22 -25.61
C ILE A 725 -29.72 0.44 -26.72
N SER A 726 -30.08 1.14 -27.79
CA SER A 726 -30.71 0.52 -28.95
C SER A 726 -29.99 0.98 -30.21
N PHE A 727 -29.60 0.02 -31.04
CA PHE A 727 -28.87 0.33 -32.27
C PHE A 727 -29.85 0.65 -33.39
N GLN A 728 -29.45 1.57 -34.26
CA GLN A 728 -30.22 1.90 -35.45
C GLN A 728 -29.28 2.16 -36.62
N ARG A 729 -29.74 1.83 -37.82
CA ARG A 729 -28.88 1.89 -38.99
C ARG A 729 -28.84 3.31 -39.54
N ILE A 730 -27.63 3.79 -39.84
CA ILE A 730 -27.40 5.11 -40.42
C ILE A 730 -26.82 4.90 -41.80
N ALA A 731 -27.33 5.66 -42.78
CA ALA A 731 -26.86 5.55 -44.15
C ALA A 731 -25.39 5.96 -44.26
N GLU A 732 -24.64 5.22 -45.08
CA GLU A 732 -23.20 5.43 -45.18
C GLU A 732 -22.85 6.70 -45.94
N LYS A 733 -23.68 7.07 -46.92
CA LYS A 733 -23.39 8.24 -47.74
C LYS A 733 -23.41 9.52 -46.91
N GLU A 734 -24.38 9.63 -45.98
CA GLU A 734 -24.48 10.80 -45.13
C GLU A 734 -23.25 10.94 -44.23
N ILE A 735 -22.77 9.80 -43.69
CA ILE A 735 -21.56 9.81 -42.89
C ILE A 735 -20.36 10.22 -43.74
N MET A 736 -20.31 9.75 -44.98
CA MET A 736 -19.19 10.08 -45.85
C MET A 736 -19.15 11.56 -46.19
N ASP A 737 -20.29 12.16 -46.52
CA ASP A 737 -20.27 13.60 -46.78
C ASP A 737 -20.08 14.42 -45.50
N ALA A 738 -20.51 13.90 -44.35
CA ALA A 738 -20.25 14.59 -43.10
C ALA A 738 -18.76 14.60 -42.77
N VAL A 739 -18.07 13.50 -43.05
CA VAL A 739 -16.61 13.44 -42.86
C VAL A 739 -15.90 14.33 -43.88
N GLU A 740 -16.33 14.25 -45.14
CA GLU A 740 -15.65 14.98 -46.21
C GLU A 740 -15.81 16.49 -46.07
N THR A 741 -17.00 16.95 -45.67
CA THR A 741 -17.24 18.38 -45.49
C THR A 741 -16.42 18.92 -44.33
N GLY A 742 -16.36 18.19 -43.22
CA GLY A 742 -15.70 18.66 -42.01
C GLY A 742 -16.62 18.81 -40.83
N LYS A 743 -17.91 18.49 -40.96
CA LYS A 743 -18.84 18.62 -39.85
C LYS A 743 -18.67 17.52 -38.80
N LEU A 744 -18.08 16.39 -39.17
CA LEU A 744 -17.91 15.27 -38.27
C LEU A 744 -16.50 14.73 -38.36
N TYR A 745 -15.88 14.50 -37.21
CA TYR A 745 -14.55 13.91 -37.12
C TYR A 745 -14.72 12.45 -36.72
N LEU A 746 -14.34 11.54 -37.62
CA LEU A 746 -14.56 10.11 -37.43
C LEU A 746 -13.23 9.42 -37.17
N PHE A 747 -13.12 8.76 -36.03
CA PHE A 747 -11.96 7.97 -35.65
C PHE A 747 -12.35 6.51 -35.57
N GLN A 748 -11.37 5.64 -35.76
CA GLN A 748 -11.55 4.20 -35.62
C GLN A 748 -10.94 3.77 -34.29
N ILE A 749 -11.76 3.13 -33.45
CA ILE A 749 -11.31 2.62 -32.16
C ILE A 749 -10.50 1.36 -32.38
N TYR A 750 -9.31 1.29 -31.78
CA TYR A 750 -8.35 0.27 -32.18
C TYR A 750 -7.52 -0.21 -31.00
N ASN A 751 -7.20 -1.49 -31.04
CA ASN A 751 -6.13 -2.11 -30.29
C ASN A 751 -5.56 -3.20 -31.18
N LYS A 752 -4.74 -4.09 -30.61
CA LYS A 752 -4.11 -5.13 -31.41
C LYS A 752 -5.10 -6.19 -31.89
N ASP A 753 -6.31 -6.21 -31.34
CA ASP A 753 -7.30 -7.22 -31.71
C ASP A 753 -8.13 -6.84 -32.93
N PHE A 754 -8.11 -5.58 -33.36
CA PHE A 754 -8.88 -5.16 -34.52
C PHE A 754 -8.04 -5.10 -35.78
N ALA A 755 -6.81 -5.60 -35.74
CA ALA A 755 -5.97 -5.67 -36.92
C ALA A 755 -6.45 -6.78 -37.86
N LYS A 756 -5.95 -6.73 -39.10
CA LYS A 756 -6.36 -7.69 -40.11
C LYS A 756 -5.71 -9.05 -39.89
N GLY A 757 -4.49 -9.09 -39.36
CA GLY A 757 -3.79 -10.32 -39.10
C GLY A 757 -4.09 -10.97 -37.76
N HIS A 758 -5.05 -10.42 -37.01
CA HIS A 758 -5.40 -10.94 -35.70
C HIS A 758 -6.06 -12.31 -35.82
N HIS A 759 -5.46 -13.32 -35.18
CA HIS A 759 -6.04 -14.66 -35.18
C HIS A 759 -6.01 -15.36 -33.83
N GLY A 760 -5.28 -14.85 -32.84
CA GLY A 760 -5.21 -15.47 -31.54
C GLY A 760 -6.35 -15.04 -30.63
N LYS A 761 -6.16 -15.31 -29.34
CA LYS A 761 -7.14 -14.91 -28.36
C LYS A 761 -7.01 -13.41 -28.06
N PRO A 762 -8.14 -12.73 -27.80
CA PRO A 762 -8.10 -11.28 -27.59
C PRO A 762 -7.67 -10.91 -26.18
N ASN A 763 -7.34 -9.63 -26.01
CA ASN A 763 -7.14 -9.11 -24.66
C ASN A 763 -8.47 -9.02 -23.93
N LEU A 764 -8.38 -8.90 -22.60
CA LEU A 764 -9.59 -8.90 -21.78
C LEU A 764 -10.44 -7.66 -21.99
N HIS A 765 -9.81 -6.52 -22.24
CA HIS A 765 -10.57 -5.29 -22.48
C HIS A 765 -11.35 -5.37 -23.78
N THR A 766 -10.78 -5.99 -24.80
CA THR A 766 -11.52 -6.22 -26.03
C THR A 766 -12.70 -7.16 -25.80
N LEU A 767 -12.53 -8.14 -24.90
CA LEU A 767 -13.65 -9.01 -24.53
C LEU A 767 -14.75 -8.23 -23.84
N TYR A 768 -14.38 -7.32 -22.93
CA TYR A 768 -15.37 -6.45 -22.28
C TYR A 768 -16.08 -5.58 -23.29
N TRP A 769 -15.34 -5.02 -24.24
CA TRP A 769 -15.92 -4.13 -25.24
C TRP A 769 -16.85 -4.87 -26.19
N THR A 770 -16.47 -6.08 -26.59
CA THR A 770 -17.33 -6.87 -27.47
C THR A 770 -18.57 -7.37 -26.73
N GLY A 771 -18.42 -7.80 -25.48
CA GLY A 771 -19.56 -8.22 -24.70
C GLY A 771 -20.47 -7.10 -24.26
N LEU A 772 -19.97 -5.86 -24.27
CA LEU A 772 -20.82 -4.72 -23.94
C LEU A 772 -21.85 -4.47 -25.03
N PHE A 773 -21.47 -4.65 -26.29
CA PHE A 773 -22.37 -4.41 -27.42
C PHE A 773 -22.92 -5.70 -28.01
N SER A 774 -22.81 -6.82 -27.30
CA SER A 774 -23.46 -8.04 -27.74
C SER A 774 -24.97 -7.90 -27.61
N PRO A 775 -25.73 -8.60 -28.47
CA PRO A 775 -27.21 -8.54 -28.34
C PRO A 775 -27.74 -9.03 -27.01
N GLU A 776 -27.07 -10.00 -26.36
CA GLU A 776 -27.52 -10.47 -25.07
C GLU A 776 -27.41 -9.39 -24.00
N ASN A 777 -26.34 -8.59 -24.04
CA ASN A 777 -26.21 -7.50 -23.08
C ASN A 777 -27.16 -6.36 -23.42
N LEU A 778 -27.42 -6.15 -24.72
CA LEU A 778 -28.37 -5.10 -25.11
C LEU A 778 -29.79 -5.45 -24.68
N ALA A 779 -30.15 -6.73 -24.68
CA ALA A 779 -31.46 -7.13 -24.19
C ALA A 779 -31.55 -6.98 -22.68
N LYS A 780 -30.55 -7.46 -21.95
CA LYS A 780 -30.50 -7.38 -20.49
C LYS A 780 -29.17 -6.76 -20.09
N THR A 781 -29.20 -5.54 -19.57
CA THR A 781 -27.99 -4.77 -19.33
C THR A 781 -27.23 -5.35 -18.14
N SER A 782 -26.09 -5.96 -18.41
CA SER A 782 -25.16 -6.38 -17.37
C SER A 782 -23.90 -5.53 -17.32
N ILE A 783 -23.48 -4.97 -18.44
CA ILE A 783 -22.39 -4.02 -18.52
C ILE A 783 -22.94 -2.70 -19.03
N LYS A 784 -22.70 -1.62 -18.29
CA LYS A 784 -23.19 -0.30 -18.65
C LYS A 784 -22.05 0.54 -19.19
N LEU A 785 -22.28 1.18 -20.34
CA LEU A 785 -21.31 2.11 -20.91
C LEU A 785 -21.46 3.45 -20.19
N ASN A 786 -20.48 3.78 -19.36
CA ASN A 786 -20.54 5.00 -18.56
C ASN A 786 -20.26 6.23 -19.43
N GLY A 787 -20.53 7.40 -18.86
CA GLY A 787 -20.14 8.65 -19.47
C GLY A 787 -18.73 9.01 -19.10
N GLN A 788 -18.43 10.32 -19.15
CA GLN A 788 -17.14 10.88 -18.73
C GLN A 788 -15.97 10.28 -19.52
N ALA A 789 -16.14 10.19 -20.84
CA ALA A 789 -15.04 9.76 -21.68
C ALA A 789 -14.04 10.89 -21.84
N GLU A 790 -12.81 10.51 -22.19
CA GLU A 790 -11.72 11.47 -22.34
C GLU A 790 -10.96 11.16 -23.62
N LEU A 791 -10.52 12.22 -24.30
CA LEU A 791 -9.66 12.09 -25.48
C LEU A 791 -8.32 12.73 -25.18
N PHE A 792 -7.25 11.98 -25.34
CA PHE A 792 -5.90 12.46 -25.10
C PHE A 792 -5.11 12.50 -26.39
N TYR A 793 -4.05 13.29 -26.40
CA TYR A 793 -3.15 13.40 -27.53
C TYR A 793 -1.73 13.24 -27.02
N ARG A 794 -0.94 12.41 -27.70
CA ARG A 794 0.46 12.20 -27.33
C ARG A 794 1.33 12.53 -28.53
N PRO A 795 2.36 13.37 -28.34
CA PRO A 795 3.24 13.71 -29.47
C PRO A 795 4.12 12.55 -29.93
N LYS A 796 4.97 12.81 -30.92
CA LYS A 796 5.70 11.75 -31.61
C LYS A 796 6.83 11.15 -30.78
N SER A 797 7.22 11.79 -29.68
CA SER A 797 8.22 11.29 -28.72
C SER A 797 9.60 11.09 -29.33
N ARG A 798 9.85 11.72 -30.48
CA ARG A 798 11.10 11.61 -31.26
C ARG A 798 11.52 10.16 -31.52
N HIS A 860 9.73 -8.77 -44.06
CA HIS A 860 9.16 -7.62 -43.38
C HIS A 860 10.11 -7.08 -42.31
N GLU A 861 9.98 -5.78 -42.03
CA GLU A 861 10.82 -5.11 -41.05
C GLU A 861 10.02 -4.83 -39.79
N ILE A 862 10.56 -5.23 -38.65
CA ILE A 862 9.98 -4.93 -37.35
C ILE A 862 10.74 -3.75 -36.76
N ILE A 863 10.12 -2.58 -36.78
CA ILE A 863 10.75 -1.38 -36.24
C ILE A 863 10.53 -1.37 -34.73
N LYS A 864 11.59 -1.03 -33.98
CA LYS A 864 11.50 -0.97 -32.54
C LYS A 864 10.63 0.20 -32.11
N ASP A 865 9.65 -0.08 -31.25
CA ASP A 865 8.76 0.91 -30.64
C ASP A 865 7.97 1.69 -31.69
N ARG A 866 7.15 0.94 -32.44
CA ARG A 866 6.35 1.53 -33.50
C ARG A 866 5.29 2.47 -32.94
N ARG A 867 4.67 2.10 -31.81
CA ARG A 867 3.60 2.91 -31.24
C ARG A 867 4.11 4.20 -30.59
N PHE A 868 5.42 4.36 -30.44
CA PHE A 868 6.00 5.48 -29.71
C PHE A 868 6.74 6.46 -30.61
N THR A 869 6.69 6.28 -31.92
CA THR A 869 7.39 7.17 -32.84
C THR A 869 6.47 8.11 -33.60
N SER A 870 5.16 8.03 -33.38
CA SER A 870 4.21 8.87 -34.10
C SER A 870 3.21 9.47 -33.13
N ASP A 871 2.73 10.68 -33.47
CA ASP A 871 1.70 11.33 -32.67
C ASP A 871 0.39 10.57 -32.76
N LYS A 872 -0.28 10.40 -31.62
CA LYS A 872 -1.39 9.47 -31.55
C LYS A 872 -2.52 10.02 -30.69
N PHE A 873 -3.75 9.69 -31.08
CA PHE A 873 -4.96 10.06 -30.36
C PHE A 873 -5.43 8.86 -29.54
N PHE A 874 -5.62 9.07 -28.24
CA PHE A 874 -6.12 8.02 -27.35
C PHE A 874 -7.51 8.35 -26.85
N PHE A 875 -8.22 7.30 -26.45
CA PHE A 875 -9.61 7.37 -26.03
C PHE A 875 -9.79 6.54 -24.77
N HIS A 876 -10.10 7.20 -23.66
CA HIS A 876 -10.27 6.53 -22.38
C HIS A 876 -11.74 6.60 -22.00
N VAL A 877 -12.38 5.43 -21.90
CA VAL A 877 -13.81 5.38 -21.59
C VAL A 877 -14.05 4.41 -20.43
N PRO A 878 -14.78 4.81 -19.40
CA PRO A 878 -15.10 3.88 -18.32
C PRO A 878 -16.39 3.10 -18.59
N ILE A 879 -16.42 1.89 -18.03
CA ILE A 879 -17.58 1.00 -18.08
C ILE A 879 -17.85 0.50 -16.67
N THR A 880 -19.06 -0.03 -16.48
CA THR A 880 -19.49 -0.54 -15.18
C THR A 880 -19.98 -1.96 -15.35
N LEU A 881 -19.24 -2.92 -14.80
CA LEU A 881 -19.64 -4.31 -14.85
C LEU A 881 -20.54 -4.66 -13.67
N ASN A 882 -21.38 -5.68 -13.87
CA ASN A 882 -22.32 -6.20 -12.90
C ASN A 882 -23.29 -5.11 -12.44
N TYR A 883 -23.89 -4.45 -13.44
CA TYR A 883 -24.70 -3.27 -13.22
C TYR A 883 -26.03 -3.57 -12.55
N GLN A 884 -26.50 -4.81 -12.59
CA GLN A 884 -27.78 -5.14 -11.98
C GLN A 884 -27.71 -5.28 -10.47
N ALA A 885 -26.52 -5.31 -9.88
CA ALA A 885 -26.35 -5.50 -8.45
C ALA A 885 -26.19 -4.17 -7.75
N ALA A 886 -25.94 -4.24 -6.43
CA ALA A 886 -25.77 -3.05 -5.61
C ALA A 886 -24.38 -2.46 -5.79
N ASN A 887 -24.08 -1.39 -5.06
CA ASN A 887 -22.79 -0.74 -5.14
C ASN A 887 -21.81 -1.24 -4.10
N SER A 888 -22.30 -1.62 -2.92
CA SER A 888 -21.46 -2.06 -1.82
C SER A 888 -21.63 -3.56 -1.58
N PRO A 889 -20.55 -4.28 -1.25
CA PRO A 889 -20.66 -5.74 -1.11
C PRO A 889 -21.39 -6.18 0.15
N SER A 890 -21.56 -5.29 1.13
CA SER A 890 -22.20 -5.57 2.44
C SER A 890 -21.36 -6.64 3.13
N LYS A 891 -21.94 -7.78 3.53
CA LYS A 891 -21.21 -8.80 4.28
C LYS A 891 -20.75 -9.89 3.32
N PHE A 892 -19.67 -9.60 2.59
CA PHE A 892 -19.07 -10.60 1.72
C PHE A 892 -18.42 -11.73 2.53
N ASN A 893 -17.77 -11.37 3.64
CA ASN A 893 -17.10 -12.37 4.48
C ASN A 893 -18.11 -13.32 5.10
N GLN A 894 -19.27 -12.81 5.52
CA GLN A 894 -20.32 -13.67 6.07
C GLN A 894 -20.82 -14.65 5.02
N ARG A 895 -20.99 -14.20 3.78
CA ARG A 895 -21.48 -15.07 2.71
C ARG A 895 -20.47 -16.16 2.36
N VAL A 896 -19.18 -15.78 2.26
CA VAL A 896 -18.18 -16.80 1.91
C VAL A 896 -17.96 -17.77 3.08
N ASN A 897 -18.08 -17.31 4.33
CA ASN A 897 -18.02 -18.23 5.46
C ASN A 897 -19.24 -19.14 5.49
N ALA A 898 -20.40 -18.64 5.07
CA ALA A 898 -21.58 -19.51 4.98
C ALA A 898 -21.38 -20.60 3.94
N TYR A 899 -20.81 -20.25 2.79
CA TYR A 899 -20.55 -21.26 1.76
C TYR A 899 -19.49 -22.27 2.23
N LEU A 900 -18.46 -21.80 2.93
CA LEU A 900 -17.43 -22.72 3.41
C LEU A 900 -17.94 -23.61 4.53
N LYS A 901 -18.85 -23.11 5.37
CA LYS A 901 -19.43 -23.96 6.40
C LYS A 901 -20.42 -24.95 5.79
N GLU A 902 -21.06 -24.57 4.68
CA GLU A 902 -21.98 -25.49 4.02
C GLU A 902 -21.18 -26.61 3.36
N HIS A 903 -20.01 -26.30 2.78
CA HIS A 903 -19.19 -27.26 2.07
C HIS A 903 -17.93 -27.57 2.86
N PRO A 904 -17.87 -28.70 3.59
CA PRO A 904 -16.66 -29.02 4.35
C PRO A 904 -15.53 -29.59 3.52
N GLU A 905 -15.81 -30.17 2.36
CA GLU A 905 -14.81 -30.90 1.58
C GLU A 905 -14.03 -29.99 0.61
N THR A 906 -14.19 -28.68 0.74
CA THR A 906 -13.58 -27.74 -0.20
C THR A 906 -12.06 -27.78 -0.09
N PRO A 907 -11.34 -27.95 -1.20
CA PRO A 907 -9.87 -27.98 -1.15
C PRO A 907 -9.30 -26.61 -0.79
N ILE A 908 -8.01 -26.60 -0.48
CA ILE A 908 -7.31 -25.39 -0.09
C ILE A 908 -6.05 -25.27 -0.91
N ILE A 909 -5.91 -24.18 -1.64
CA ILE A 909 -4.68 -23.86 -2.36
C ILE A 909 -3.80 -23.06 -1.43
N GLY A 910 -2.49 -23.36 -1.42
CA GLY A 910 -1.55 -22.58 -0.66
C GLY A 910 -0.45 -22.05 -1.54
N ILE A 911 -0.16 -20.76 -1.42
CA ILE A 911 0.84 -20.08 -2.23
C ILE A 911 2.03 -19.71 -1.35
N ASP A 912 3.24 -19.99 -1.82
CA ASP A 912 4.42 -19.59 -1.06
C ASP A 912 5.62 -19.41 -1.97
N ARG A 913 6.37 -18.34 -1.76
CA ARG A 913 7.60 -18.10 -2.49
C ARG A 913 8.72 -18.98 -1.94
N GLY A 914 9.79 -19.11 -2.71
CA GLY A 914 10.92 -19.89 -2.26
C GLY A 914 12.16 -19.59 -3.06
N GLU A 915 13.24 -20.28 -2.68
CA GLU A 915 14.46 -20.29 -3.48
C GLU A 915 14.44 -21.44 -4.46
N ARG A 916 15.03 -21.19 -5.63
CA ARG A 916 15.07 -22.05 -6.82
C ARG A 916 13.69 -22.26 -7.46
N ASN A 917 12.63 -21.68 -6.88
CA ASN A 917 11.31 -21.64 -7.48
C ASN A 917 10.66 -20.32 -7.05
N LEU A 918 10.25 -19.52 -8.03
CA LEU A 918 9.77 -18.17 -7.74
C LEU A 918 8.47 -18.19 -6.95
N ILE A 919 7.48 -18.92 -7.45
CA ILE A 919 6.20 -19.09 -6.76
C ILE A 919 5.87 -20.58 -6.77
N TYR A 920 5.50 -21.11 -5.61
CA TYR A 920 5.17 -22.52 -5.47
C TYR A 920 3.74 -22.69 -4.97
N ILE A 921 3.03 -23.64 -5.57
CA ILE A 921 1.60 -23.87 -5.35
C ILE A 921 1.42 -25.26 -4.79
N THR A 922 0.60 -25.40 -3.75
CA THR A 922 0.18 -26.71 -3.26
C THR A 922 -1.32 -26.69 -3.03
N VAL A 923 -2.06 -27.41 -3.85
CA VAL A 923 -3.50 -27.60 -3.67
C VAL A 923 -3.70 -28.89 -2.90
N ILE A 924 -4.24 -28.77 -1.69
CA ILE A 924 -4.43 -29.89 -0.78
C ILE A 924 -5.94 -30.09 -0.57
N ASP A 925 -6.28 -31.26 -0.04
CA ASP A 925 -7.67 -31.59 0.26
C ASP A 925 -8.00 -31.18 1.69
N SER A 926 -9.23 -31.49 2.13
CA SER A 926 -9.63 -31.14 3.48
C SER A 926 -9.00 -32.04 4.52
N THR A 927 -8.74 -33.30 4.18
CA THR A 927 -8.15 -34.24 5.12
C THR A 927 -6.64 -34.09 5.27
N GLY A 928 -6.01 -33.24 4.46
CA GLY A 928 -4.61 -32.96 4.58
C GLY A 928 -3.72 -33.58 3.52
N LYS A 929 -4.23 -34.55 2.76
CA LYS A 929 -3.43 -35.13 1.69
C LYS A 929 -3.33 -34.15 0.52
N ILE A 930 -2.12 -33.98 -0.01
CA ILE A 930 -1.91 -33.06 -1.12
C ILE A 930 -2.53 -33.65 -2.39
N LEU A 931 -3.09 -32.76 -3.21
CA LEU A 931 -3.69 -33.15 -4.47
C LEU A 931 -2.84 -32.74 -5.67
N GLU A 932 -2.24 -31.55 -5.65
CA GLU A 932 -1.38 -31.13 -6.75
C GLU A 932 -0.38 -30.11 -6.25
N GLN A 933 0.91 -30.43 -6.36
CA GLN A 933 1.97 -29.50 -6.03
C GLN A 933 2.74 -29.16 -7.29
N ARG A 934 3.05 -27.87 -7.47
CA ARG A 934 3.70 -27.44 -8.69
C ARG A 934 4.55 -26.20 -8.44
N SER A 935 5.52 -26.00 -9.32
CA SER A 935 6.31 -24.79 -9.37
C SER A 935 5.82 -23.92 -10.51
N LEU A 936 5.72 -22.61 -10.24
CA LEU A 936 5.31 -21.65 -11.27
C LEU A 936 6.50 -20.97 -11.92
N ASN A 937 7.64 -21.67 -12.02
CA ASN A 937 8.74 -21.15 -12.81
C ASN A 937 8.37 -21.09 -14.29
N THR A 938 7.63 -22.08 -14.77
CA THR A 938 7.33 -22.21 -16.19
C THR A 938 5.95 -21.61 -16.48
N ILE A 939 5.92 -20.60 -17.34
CA ILE A 939 4.69 -20.04 -17.89
C ILE A 939 4.84 -20.09 -19.39
N GLN A 940 3.90 -20.76 -20.07
CA GLN A 940 3.93 -21.00 -21.52
C GLN A 940 5.22 -21.73 -21.93
N GLN A 941 5.67 -22.65 -21.06
CA GLN A 941 6.77 -23.60 -21.30
C GLN A 941 8.11 -22.91 -21.54
N PHE A 942 8.28 -21.65 -21.13
CA PHE A 942 9.47 -20.87 -21.45
C PHE A 942 9.82 -20.12 -20.15
N ASP A 943 10.19 -20.91 -19.13
CA ASP A 943 10.34 -20.51 -17.74
C ASP A 943 11.13 -19.23 -17.42
N TYR A 944 10.80 -18.60 -16.29
CA TYR A 944 11.36 -17.31 -15.88
C TYR A 944 12.47 -17.45 -14.84
N GLN A 945 12.67 -18.65 -14.30
CA GLN A 945 13.75 -18.84 -13.34
C GLN A 945 15.10 -18.59 -13.97
N LYS A 946 15.27 -18.99 -15.24
CA LYS A 946 16.51 -18.69 -15.93
C LYS A 946 16.63 -17.20 -16.21
N LYS A 947 15.51 -16.49 -16.40
CA LYS A 947 15.57 -15.04 -16.61
C LYS A 947 16.07 -14.33 -15.36
N LEU A 948 15.49 -14.65 -14.21
CA LEU A 948 15.95 -14.03 -12.96
C LEU A 948 17.38 -14.45 -12.63
N ASP A 949 17.71 -15.73 -12.84
CA ASP A 949 19.09 -16.19 -12.65
C ASP A 949 20.07 -15.42 -13.51
N ASN A 950 19.78 -15.28 -14.81
CA ASN A 950 20.69 -14.61 -15.73
C ASN A 950 20.79 -13.12 -15.44
N ARG A 951 19.65 -12.47 -15.19
CA ARG A 951 19.65 -11.03 -14.91
C ARG A 951 20.36 -10.74 -13.59
N GLU A 952 20.21 -11.63 -12.60
CA GLU A 952 20.92 -11.46 -11.35
C GLU A 952 22.42 -11.72 -11.51
N LYS A 953 22.79 -12.61 -12.44
CA LYS A 953 24.21 -12.73 -12.80
C LYS A 953 24.74 -11.43 -13.39
N GLU A 954 24.05 -10.87 -14.38
CA GLU A 954 24.53 -9.61 -14.99
C GLU A 954 24.43 -8.43 -14.03
N ARG A 955 23.61 -8.54 -12.99
CA ARG A 955 23.70 -7.57 -11.89
C ARG A 955 25.13 -7.51 -11.35
N VAL A 956 25.69 -8.66 -11.00
CA VAL A 956 27.05 -8.72 -10.45
C VAL A 956 28.08 -8.44 -11.53
N ALA A 957 27.90 -9.02 -12.72
CA ALA A 957 28.86 -8.98 -13.83
C ALA A 957 29.21 -7.55 -14.24
N ALA A 958 28.29 -6.62 -14.02
CA ALA A 958 28.56 -5.19 -14.09
C ALA A 958 28.03 -4.57 -12.78
N ARG A 959 28.92 -4.52 -11.78
CA ARG A 959 28.71 -3.91 -10.45
C ARG A 959 27.37 -4.25 -9.80
N GLN A 960 26.48 -3.26 -9.74
CA GLN A 960 25.06 -3.40 -9.43
C GLN A 960 24.20 -3.13 -10.67
N ALA A 961 24.67 -2.27 -11.58
CA ALA A 961 24.06 -2.01 -12.88
C ALA A 961 22.66 -1.40 -12.77
N TRP A 962 22.60 -0.12 -12.37
CA TRP A 962 21.39 0.72 -12.33
C TRP A 962 20.39 0.44 -13.46
N SER A 963 20.90 0.22 -14.67
CA SER A 963 20.04 -0.13 -15.79
C SER A 963 19.34 -1.47 -15.55
N VAL A 964 20.06 -2.47 -15.03
CA VAL A 964 19.47 -3.81 -15.01
C VAL A 964 18.55 -3.98 -13.81
N VAL A 965 18.76 -3.21 -12.74
CA VAL A 965 17.95 -3.25 -11.52
C VAL A 965 16.48 -3.07 -11.86
N GLY A 966 16.18 -2.05 -12.66
CA GLY A 966 14.81 -1.81 -13.09
C GLY A 966 14.25 -2.89 -13.97
N THR A 967 15.09 -3.48 -14.84
CA THR A 967 14.60 -4.58 -15.67
C THR A 967 14.25 -5.78 -14.82
N ILE A 968 15.03 -6.04 -13.76
CA ILE A 968 14.72 -7.11 -12.82
C ILE A 968 13.40 -6.81 -12.10
N LYS A 969 13.24 -5.58 -11.60
CA LYS A 969 12.05 -5.22 -10.84
C LYS A 969 10.80 -5.23 -11.73
N ASP A 970 10.95 -5.01 -13.04
CA ASP A 970 9.77 -5.07 -13.90
C ASP A 970 9.51 -6.49 -14.42
N LEU A 971 10.57 -7.28 -14.65
CA LEU A 971 10.41 -8.70 -14.97
C LEU A 971 9.74 -9.43 -13.81
N LYS A 972 9.90 -8.91 -12.59
CA LYS A 972 9.20 -9.51 -11.46
C LYS A 972 7.72 -9.18 -11.49
N GLN A 973 7.38 -7.93 -11.80
CA GLN A 973 5.98 -7.53 -11.90
C GLN A 973 5.28 -8.24 -13.04
N GLY A 974 5.97 -8.38 -14.18
CA GLY A 974 5.39 -9.12 -15.30
C GLY A 974 5.22 -10.59 -15.01
N TYR A 975 6.18 -11.17 -14.28
CA TYR A 975 6.04 -12.57 -13.86
C TYR A 975 4.83 -12.74 -12.96
N LEU A 976 4.60 -11.79 -12.06
CA LEU A 976 3.43 -11.89 -11.19
C LEU A 976 2.14 -11.69 -11.98
N SER A 977 2.16 -10.80 -12.98
CA SER A 977 1.01 -10.60 -13.84
C SER A 977 0.65 -11.87 -14.63
N GLN A 978 1.65 -12.65 -15.03
CA GLN A 978 1.36 -13.96 -15.61
C GLN A 978 0.97 -15.01 -14.58
N VAL A 979 1.44 -14.88 -13.33
CA VAL A 979 1.11 -15.83 -12.27
C VAL A 979 -0.33 -15.69 -11.80
N ILE A 980 -0.90 -14.49 -11.97
CA ILE A 980 -2.31 -14.23 -11.62
C ILE A 980 -3.25 -15.20 -12.35
N HIS A 981 -3.02 -15.38 -13.65
CA HIS A 981 -3.85 -16.28 -14.45
C HIS A 981 -3.75 -17.72 -13.97
N GLU A 982 -2.54 -18.18 -13.64
CA GLU A 982 -2.37 -19.54 -13.15
C GLU A 982 -3.08 -19.77 -11.83
N ILE A 983 -2.98 -18.81 -10.91
CA ILE A 983 -3.64 -18.98 -9.62
C ILE A 983 -5.16 -18.96 -9.76
N VAL A 984 -5.70 -18.04 -10.56
CA VAL A 984 -7.16 -18.02 -10.70
C VAL A 984 -7.65 -19.24 -11.47
N ASP A 985 -6.84 -19.78 -12.39
CA ASP A 985 -7.21 -21.02 -13.07
C ASP A 985 -7.23 -22.20 -12.11
N LEU A 986 -6.23 -22.29 -11.22
CA LEU A 986 -6.21 -23.35 -10.22
C LEU A 986 -7.40 -23.25 -9.28
N MET A 987 -7.75 -22.03 -8.86
CA MET A 987 -8.90 -21.82 -7.98
C MET A 987 -10.20 -22.19 -8.67
N ILE A 988 -10.34 -21.81 -9.95
CA ILE A 988 -11.57 -22.11 -10.68
C ILE A 988 -11.73 -23.61 -10.90
N HIS A 989 -10.64 -24.29 -11.30
CA HIS A 989 -10.71 -25.72 -11.55
C HIS A 989 -10.95 -26.51 -10.27
N TYR A 990 -10.29 -26.15 -9.17
CA TYR A 990 -10.39 -26.94 -7.95
C TYR A 990 -11.51 -26.47 -7.02
N GLN A 991 -12.22 -25.40 -7.37
CA GLN A 991 -13.32 -24.84 -6.56
C GLN A 991 -12.87 -24.55 -5.13
N ALA A 992 -11.65 -24.02 -5.01
CA ALA A 992 -10.94 -24.04 -3.75
C ALA A 992 -10.77 -22.63 -3.18
N VAL A 993 -10.38 -22.61 -1.91
CA VAL A 993 -10.03 -21.39 -1.20
C VAL A 993 -8.53 -21.20 -1.29
N VAL A 994 -8.10 -20.04 -1.77
CA VAL A 994 -6.68 -19.77 -1.87
C VAL A 994 -6.20 -19.19 -0.54
N VAL A 995 -4.95 -19.47 -0.20
CA VAL A 995 -4.34 -19.03 1.06
C VAL A 995 -2.97 -18.46 0.71
N LEU A 996 -2.81 -17.15 0.90
CA LEU A 996 -1.60 -16.44 0.57
C LEU A 996 -0.76 -16.24 1.83
N GLU A 997 0.38 -15.58 1.65
CA GLU A 997 1.31 -15.28 2.73
C GLU A 997 1.13 -13.85 3.19
N ASN A 998 0.80 -13.68 4.47
CA ASN A 998 0.62 -12.35 5.03
C ASN A 998 1.97 -11.65 5.13
N LEU A 999 2.04 -10.44 4.59
CA LEU A 999 3.33 -9.77 4.51
C LEU A 999 3.68 -9.04 5.80
N ASN A 1000 2.68 -8.60 6.56
CA ASN A 1000 2.92 -8.29 7.96
C ASN A 1000 3.15 -9.60 8.72
N PHE A 1001 3.63 -9.45 9.96
CA PHE A 1001 3.94 -10.58 10.86
C PHE A 1001 4.98 -11.53 10.25
N GLY A 1002 5.88 -11.01 9.41
CA GLY A 1002 6.76 -11.89 8.66
C GLY A 1002 8.02 -11.20 8.21
N PHE A 1003 9.08 -12.00 8.04
CA PHE A 1003 10.35 -11.56 7.50
C PHE A 1003 10.81 -12.63 6.52
N LYS A 1004 11.27 -12.20 5.34
CA LYS A 1004 11.72 -13.11 4.31
C LYS A 1004 13.10 -12.68 3.83
N SER A 1005 14.02 -13.64 3.76
CA SER A 1005 15.39 -13.35 3.35
C SER A 1005 15.48 -13.07 1.85
N LYS A 1006 16.70 -12.80 1.41
CA LYS A 1006 17.04 -12.86 0.00
C LYS A 1006 17.10 -14.32 -0.46
N ARG A 1007 17.39 -14.51 -1.75
CA ARG A 1007 17.44 -15.75 -2.53
C ARG A 1007 16.05 -16.29 -2.85
N THR A 1008 14.98 -15.62 -2.41
CA THR A 1008 13.61 -16.11 -2.61
C THR A 1008 12.99 -15.60 -3.91
N GLY A 1009 13.81 -15.29 -4.92
CA GLY A 1009 13.33 -14.57 -6.08
C GLY A 1009 12.67 -13.27 -5.68
N ILE A 1010 11.34 -13.24 -5.80
CA ILE A 1010 10.53 -12.13 -5.30
C ILE A 1010 10.65 -12.09 -3.78
N ALA A 1011 11.32 -11.05 -3.26
CA ALA A 1011 11.52 -10.88 -1.83
C ALA A 1011 10.90 -9.57 -1.33
N GLU A 1012 11.13 -8.48 -2.06
CA GLU A 1012 10.68 -7.13 -1.75
C GLU A 1012 9.20 -7.08 -1.39
N LYS A 1013 8.88 -6.63 -0.17
CA LYS A 1013 7.51 -6.65 0.35
C LYS A 1013 6.58 -5.75 -0.44
N ALA A 1014 7.13 -4.80 -1.18
CA ALA A 1014 6.29 -3.93 -1.99
C ALA A 1014 5.84 -4.63 -3.25
N VAL A 1015 6.69 -5.48 -3.82
CA VAL A 1015 6.37 -6.20 -5.05
C VAL A 1015 5.33 -7.29 -4.77
N TYR A 1016 5.49 -8.04 -3.69
CA TYR A 1016 4.47 -9.02 -3.31
C TYR A 1016 3.18 -8.35 -2.84
N GLN A 1017 3.29 -7.22 -2.13
CA GLN A 1017 2.10 -6.45 -1.80
C GLN A 1017 1.34 -6.04 -3.06
N GLN A 1018 2.07 -5.58 -4.09
CA GLN A 1018 1.47 -5.26 -5.38
C GLN A 1018 0.81 -6.49 -5.99
N PHE A 1019 1.46 -7.64 -5.89
CA PHE A 1019 0.84 -8.92 -6.27
C PHE A 1019 -0.47 -9.23 -5.57
N GLU A 1020 -0.48 -9.20 -4.24
CA GLU A 1020 -1.72 -9.47 -3.51
C GLU A 1020 -2.82 -8.47 -3.87
N LYS A 1021 -2.45 -7.21 -4.11
CA LYS A 1021 -3.43 -6.21 -4.53
C LYS A 1021 -3.95 -6.49 -5.93
N MET A 1022 -3.07 -6.91 -6.84
CA MET A 1022 -3.48 -7.28 -8.19
C MET A 1022 -4.37 -8.50 -8.18
N LEU A 1023 -4.10 -9.46 -7.29
CA LEU A 1023 -4.93 -10.65 -7.17
C LEU A 1023 -6.31 -10.30 -6.63
N ILE A 1024 -6.39 -9.44 -5.62
CA ILE A 1024 -7.68 -9.00 -5.10
C ILE A 1024 -8.46 -8.25 -6.18
N ASP A 1025 -7.78 -7.38 -6.92
CA ASP A 1025 -8.46 -6.60 -7.95
C ASP A 1025 -8.86 -7.46 -9.15
N LYS A 1026 -8.12 -8.52 -9.44
CA LYS A 1026 -8.49 -9.42 -10.53
C LYS A 1026 -9.68 -10.28 -10.14
N LEU A 1027 -9.64 -10.86 -8.95
CA LEU A 1027 -10.76 -11.68 -8.49
C LEU A 1027 -11.95 -10.84 -8.06
N ASN A 1028 -11.80 -9.52 -7.99
CA ASN A 1028 -12.96 -8.65 -7.80
C ASN A 1028 -13.95 -8.79 -8.95
N CYS A 1029 -13.44 -8.92 -10.18
CA CYS A 1029 -14.25 -9.19 -11.36
C CYS A 1029 -13.46 -10.17 -12.22
N LEU A 1030 -13.70 -11.46 -12.02
CA LEU A 1030 -12.95 -12.51 -12.68
C LEU A 1030 -13.73 -13.00 -13.91
N VAL A 1031 -13.09 -12.93 -15.07
CA VAL A 1031 -13.67 -13.38 -16.32
C VAL A 1031 -12.61 -14.12 -17.13
N LEU A 1032 -13.00 -15.25 -17.70
CA LEU A 1032 -12.10 -16.08 -18.49
C LEU A 1032 -12.41 -15.92 -19.97
N LYS A 1033 -11.36 -16.03 -20.79
CA LYS A 1033 -11.49 -15.75 -22.21
C LYS A 1033 -12.25 -16.84 -22.95
N ASP A 1034 -11.95 -18.11 -22.65
CA ASP A 1034 -12.54 -19.22 -23.38
C ASP A 1034 -13.96 -19.55 -22.94
N TYR A 1035 -14.41 -18.98 -21.82
CA TYR A 1035 -15.75 -19.28 -21.32
C TYR A 1035 -16.81 -18.61 -22.21
N PRO A 1036 -17.98 -19.23 -22.34
CA PRO A 1036 -19.08 -18.58 -23.05
C PRO A 1036 -19.60 -17.37 -22.29
N ALA A 1037 -20.19 -16.44 -23.04
CA ALA A 1037 -20.65 -15.18 -22.44
C ALA A 1037 -21.80 -15.40 -21.47
N GLU A 1038 -22.73 -16.30 -21.80
CA GLU A 1038 -23.91 -16.49 -20.97
C GLU A 1038 -23.58 -17.21 -19.67
N LYS A 1039 -22.62 -18.13 -19.71
CA LYS A 1039 -22.29 -18.93 -18.54
C LYS A 1039 -21.61 -18.10 -17.47
N VAL A 1040 -21.65 -18.60 -16.23
CA VAL A 1040 -20.99 -17.94 -15.11
C VAL A 1040 -19.48 -18.03 -15.30
N GLY A 1041 -18.80 -16.89 -15.18
CA GLY A 1041 -17.41 -16.76 -15.52
C GLY A 1041 -17.17 -16.05 -16.84
N GLY A 1042 -18.22 -15.90 -17.65
CA GLY A 1042 -18.11 -15.18 -18.90
C GLY A 1042 -18.19 -13.67 -18.69
N VAL A 1043 -18.20 -12.95 -19.82
CA VAL A 1043 -18.22 -11.49 -19.76
C VAL A 1043 -19.55 -10.98 -19.22
N LEU A 1044 -20.66 -11.65 -19.55
CA LEU A 1044 -21.96 -11.24 -19.05
C LEU A 1044 -22.26 -11.75 -17.64
N ASN A 1045 -21.43 -12.65 -17.10
CA ASN A 1045 -21.59 -13.12 -15.74
C ASN A 1045 -20.22 -13.41 -15.16
N PRO A 1046 -19.48 -12.37 -14.78
CA PRO A 1046 -18.14 -12.58 -14.22
C PRO A 1046 -18.19 -13.16 -12.81
N TYR A 1047 -17.07 -13.74 -12.40
CA TYR A 1047 -16.93 -14.33 -11.08
C TYR A 1047 -16.46 -13.26 -10.10
N GLN A 1048 -17.13 -13.15 -8.96
CA GLN A 1048 -16.75 -12.24 -7.89
C GLN A 1048 -16.55 -13.05 -6.62
N LEU A 1049 -15.28 -13.36 -6.32
CA LEU A 1049 -14.94 -14.18 -5.17
C LEU A 1049 -14.22 -13.41 -4.06
N THR A 1050 -13.78 -12.20 -4.32
CA THR A 1050 -12.98 -11.43 -3.38
C THR A 1050 -13.57 -10.05 -3.16
N ASP A 1051 -13.56 -9.61 -1.91
CA ASP A 1051 -14.04 -8.29 -1.53
C ASP A 1051 -13.17 -7.20 -2.18
N GLN A 1052 -13.75 -6.02 -2.32
CA GLN A 1052 -13.05 -4.89 -2.92
C GLN A 1052 -11.88 -4.45 -2.04
N PHE A 1053 -10.74 -4.18 -2.69
CA PHE A 1053 -9.54 -3.78 -1.97
C PHE A 1053 -9.70 -2.38 -1.40
N THR A 1054 -9.32 -2.21 -0.15
CA THR A 1054 -9.41 -0.91 0.51
C THR A 1054 -8.07 -0.43 1.08
N SER A 1055 -7.31 -1.32 1.71
CA SER A 1055 -6.05 -0.93 2.33
C SER A 1055 -5.16 -2.15 2.44
N PHE A 1056 -3.85 -1.90 2.59
CA PHE A 1056 -2.91 -2.99 2.84
C PHE A 1056 -2.88 -3.40 4.31
N ALA A 1057 -3.58 -2.67 5.17
CA ALA A 1057 -3.64 -2.99 6.59
C ALA A 1057 -5.02 -3.40 7.07
N LYS A 1058 -6.08 -3.07 6.33
CA LYS A 1058 -7.44 -3.45 6.68
C LYS A 1058 -7.89 -4.74 6.02
N MET A 1059 -6.96 -5.53 5.46
CA MET A 1059 -7.32 -6.81 4.88
C MET A 1059 -7.82 -7.78 5.94
N GLY A 1060 -7.13 -7.83 7.08
CA GLY A 1060 -7.43 -8.84 8.07
C GLY A 1060 -6.91 -10.19 7.61
N THR A 1061 -7.46 -11.25 8.21
CA THR A 1061 -7.05 -12.60 7.85
C THR A 1061 -7.64 -13.04 6.52
N GLN A 1062 -8.86 -12.61 6.21
CA GLN A 1062 -9.54 -13.08 5.01
C GLN A 1062 -10.17 -11.92 4.25
N SER A 1063 -10.32 -12.12 2.94
CA SER A 1063 -11.08 -11.22 2.08
C SER A 1063 -11.76 -12.12 1.04
N GLY A 1064 -12.99 -12.55 1.35
CA GLY A 1064 -13.68 -13.50 0.49
C GLY A 1064 -13.01 -14.86 0.49
N PHE A 1065 -12.41 -15.23 -0.65
CA PHE A 1065 -11.67 -16.47 -0.78
C PHE A 1065 -10.17 -16.27 -0.62
N LEU A 1066 -9.74 -15.06 -0.26
CA LEU A 1066 -8.32 -14.73 -0.10
C LEU A 1066 -7.98 -14.81 1.38
N PHE A 1067 -7.53 -15.98 1.82
CA PHE A 1067 -7.16 -16.17 3.22
C PHE A 1067 -5.68 -15.85 3.41
N TYR A 1068 -5.36 -15.24 4.55
CA TYR A 1068 -3.99 -14.87 4.88
C TYR A 1068 -3.58 -15.46 6.22
N VAL A 1069 -2.35 -15.96 6.29
CA VAL A 1069 -1.83 -16.60 7.49
C VAL A 1069 -0.42 -16.06 7.73
N PRO A 1070 0.08 -16.07 8.97
CA PRO A 1070 1.45 -15.59 9.21
C PRO A 1070 2.50 -16.46 8.54
N ALA A 1071 3.63 -15.81 8.21
CA ALA A 1071 4.68 -16.48 7.44
C ALA A 1071 5.41 -17.58 8.21
N PRO A 1072 6.07 -17.32 9.35
CA PRO A 1072 7.15 -18.22 9.79
C PRO A 1072 6.61 -19.54 10.33
N TYR A 1073 7.58 -20.43 10.59
CA TYR A 1073 7.33 -21.81 11.04
C TYR A 1073 6.45 -22.55 10.04
N THR A 1074 6.71 -22.30 8.76
CA THR A 1074 6.07 -23.00 7.65
C THR A 1074 7.04 -23.60 6.65
N SER A 1075 8.27 -23.07 6.55
CA SER A 1075 9.26 -23.60 5.63
C SER A 1075 10.16 -24.64 6.30
N LYS A 1076 10.80 -24.27 7.41
CA LYS A 1076 11.67 -25.18 8.16
C LYS A 1076 10.82 -25.90 9.20
N ILE A 1077 10.17 -26.98 8.78
CA ILE A 1077 9.25 -27.72 9.64
C ILE A 1077 9.07 -29.11 9.05
N ASP A 1078 9.02 -30.11 9.92
CA ASP A 1078 8.80 -31.50 9.49
C ASP A 1078 7.35 -31.64 9.02
N PRO A 1079 7.10 -32.07 7.79
CA PRO A 1079 5.71 -32.13 7.30
C PRO A 1079 4.91 -33.31 7.82
N LEU A 1080 5.52 -34.25 8.53
CA LEU A 1080 4.79 -35.45 8.95
C LEU A 1080 4.63 -35.58 10.45
N THR A 1081 5.54 -35.03 11.26
CA THR A 1081 5.34 -34.95 12.70
C THR A 1081 5.33 -33.53 13.26
N GLY A 1082 5.78 -32.54 12.48
CA GLY A 1082 5.78 -31.18 12.96
C GLY A 1082 6.91 -30.81 13.88
N PHE A 1083 8.05 -31.47 13.75
CA PHE A 1083 9.21 -31.09 14.55
C PHE A 1083 9.84 -29.82 14.00
N VAL A 1084 10.21 -28.91 14.90
CA VAL A 1084 10.88 -27.67 14.56
C VAL A 1084 12.10 -27.55 15.47
N ASP A 1085 13.02 -26.69 15.06
CA ASP A 1085 14.26 -26.50 15.83
C ASP A 1085 13.83 -25.71 17.06
N PRO A 1086 13.95 -26.26 18.26
CA PRO A 1086 13.47 -25.55 19.45
C PRO A 1086 14.46 -24.55 20.03
N PHE A 1087 15.75 -24.72 19.79
CA PHE A 1087 16.75 -23.80 20.33
C PHE A 1087 16.76 -22.49 19.55
N VAL A 1088 17.18 -21.43 20.22
CA VAL A 1088 17.57 -20.20 19.56
C VAL A 1088 19.09 -20.16 19.52
N TRP A 1089 19.64 -19.96 18.33
CA TRP A 1089 21.08 -20.05 18.15
C TRP A 1089 21.67 -18.66 18.08
N LYS A 1090 22.97 -18.59 17.68
CA LYS A 1090 23.85 -17.41 17.71
C LYS A 1090 24.23 -17.05 19.15
N THR A 1091 23.74 -17.80 20.13
CA THR A 1091 24.17 -17.69 21.52
C THR A 1091 25.13 -18.80 21.93
N ILE A 1092 25.50 -19.71 21.03
CA ILE A 1092 26.43 -20.79 21.38
C ILE A 1092 27.83 -20.24 21.10
N LYS A 1093 28.29 -19.35 21.98
CA LYS A 1093 29.62 -18.77 21.84
C LYS A 1093 30.51 -18.93 23.05
N ASN A 1094 29.97 -19.06 24.25
CA ASN A 1094 30.77 -19.14 25.45
C ASN A 1094 30.85 -20.62 25.84
N HIS A 1095 31.94 -20.97 26.53
CA HIS A 1095 32.23 -22.39 26.80
C HIS A 1095 31.24 -23.01 27.77
N GLU A 1096 30.95 -22.35 28.89
CA GLU A 1096 30.01 -22.96 29.84
C GLU A 1096 28.58 -22.89 29.31
N SER A 1097 28.31 -21.97 28.38
CA SER A 1097 27.04 -22.02 27.65
C SER A 1097 26.92 -23.32 26.88
N ARG A 1098 28.02 -23.73 26.21
CA ARG A 1098 28.03 -25.02 25.53
C ARG A 1098 27.91 -26.18 26.53
N LYS A 1099 28.54 -26.02 27.71
CA LYS A 1099 28.45 -27.06 28.73
C LYS A 1099 27.02 -27.25 29.22
N HIS A 1100 26.32 -26.15 29.51
CA HIS A 1100 24.93 -26.23 29.95
C HIS A 1100 24.03 -26.74 28.83
N PHE A 1101 24.29 -26.31 27.59
CA PHE A 1101 23.51 -26.76 26.45
C PHE A 1101 23.66 -28.26 26.23
N LEU A 1102 24.89 -28.77 26.36
CA LEU A 1102 25.12 -30.19 26.17
C LEU A 1102 24.58 -31.00 27.35
N GLU A 1103 24.62 -30.44 28.56
CA GLU A 1103 24.05 -31.10 29.72
C GLU A 1103 22.53 -31.07 29.71
N GLY A 1104 21.93 -30.23 28.86
CA GLY A 1104 20.48 -30.17 28.79
C GLY A 1104 19.83 -31.46 28.29
N PHE A 1105 20.53 -32.20 27.42
CA PHE A 1105 19.96 -33.42 26.86
C PHE A 1105 19.90 -34.52 27.91
N ASP A 1106 18.99 -35.48 27.68
CA ASP A 1106 18.80 -36.58 28.62
C ASP A 1106 19.91 -37.61 28.50
N PHE A 1107 19.98 -38.30 27.36
CA PHE A 1107 21.04 -39.28 27.13
C PHE A 1107 21.14 -39.56 25.63
N LEU A 1108 22.34 -39.94 25.21
CA LEU A 1108 22.67 -40.30 23.84
C LEU A 1108 23.21 -41.72 23.84
N HIS A 1109 22.78 -42.53 22.89
CA HIS A 1109 23.26 -43.90 22.79
C HIS A 1109 23.38 -44.29 21.33
N TYR A 1110 23.93 -45.47 21.09
CA TYR A 1110 24.16 -45.99 19.75
C TYR A 1110 23.43 -47.30 19.56
N ASP A 1111 22.77 -47.44 18.41
CA ASP A 1111 22.07 -48.66 18.04
C ASP A 1111 22.81 -49.31 16.89
N VAL A 1112 23.20 -50.58 17.08
CA VAL A 1112 23.95 -51.32 16.07
C VAL A 1112 23.06 -52.03 15.06
N LYS A 1113 21.78 -52.29 15.40
CA LYS A 1113 20.87 -52.93 14.46
C LYS A 1113 20.59 -52.01 13.28
N THR A 1114 20.46 -50.70 13.54
CA THR A 1114 20.31 -49.72 12.48
C THR A 1114 21.54 -48.85 12.31
N GLY A 1115 22.51 -48.93 13.22
CA GLY A 1115 23.73 -48.14 13.12
C GLY A 1115 23.52 -46.65 13.24
N ASP A 1116 22.69 -46.22 14.20
CA ASP A 1116 22.33 -44.83 14.34
C ASP A 1116 22.56 -44.35 15.77
N PHE A 1117 22.81 -43.06 15.93
CA PHE A 1117 22.88 -42.45 17.25
C PHE A 1117 21.50 -41.91 17.63
N ILE A 1118 20.98 -42.38 18.76
CA ILE A 1118 19.69 -41.93 19.27
C ILE A 1118 19.96 -41.02 20.46
N LEU A 1119 19.59 -39.75 20.34
CA LEU A 1119 19.68 -38.78 21.42
C LEU A 1119 18.28 -38.40 21.86
N HIS A 1120 18.06 -38.35 23.16
CA HIS A 1120 16.73 -38.09 23.71
C HIS A 1120 16.67 -36.66 24.24
N PHE A 1121 15.62 -35.95 23.87
CA PHE A 1121 15.44 -34.57 24.28
C PHE A 1121 14.11 -34.44 24.99
N LYS A 1122 14.13 -33.76 26.14
CA LYS A 1122 12.94 -33.41 26.90
C LYS A 1122 12.76 -31.91 26.77
N MET A 1123 11.52 -31.45 26.52
CA MET A 1123 11.28 -30.04 26.27
C MET A 1123 11.36 -29.16 27.51
N ASN A 1124 11.41 -29.73 28.71
CA ASN A 1124 11.54 -28.89 29.90
C ASN A 1124 12.98 -28.54 30.23
N ARG A 1125 13.96 -28.96 29.43
CA ARG A 1125 15.35 -28.64 29.67
C ARG A 1125 15.84 -27.57 28.70
N ASN A 1126 16.93 -26.90 29.10
CA ASN A 1126 17.57 -25.82 28.35
C ASN A 1126 16.60 -24.68 28.05
N LEU A 1127 15.74 -24.37 29.03
CA LEU A 1127 14.67 -23.39 28.82
C LEU A 1127 15.20 -21.99 28.55
N SER A 1128 16.33 -21.64 29.17
CA SER A 1128 16.96 -20.36 28.85
C SER A 1128 17.54 -20.35 27.45
N PHE A 1129 17.88 -21.53 26.93
CA PHE A 1129 18.52 -21.64 25.63
C PHE A 1129 17.54 -22.13 24.57
N GLN A 1130 16.40 -22.68 24.97
CA GLN A 1130 15.31 -22.98 24.08
C GLN A 1130 14.50 -21.71 23.82
N ARG A 1131 13.89 -21.65 22.64
CA ARG A 1131 12.97 -20.58 22.34
C ARG A 1131 11.73 -20.69 23.22
N GLY A 1132 11.06 -19.56 23.45
CA GLY A 1132 9.92 -19.54 24.33
C GLY A 1132 8.62 -19.97 23.67
N LEU A 1133 8.67 -21.03 22.87
CA LEU A 1133 7.51 -21.51 22.12
C LEU A 1133 7.40 -23.02 22.30
N PRO A 1134 6.78 -23.48 23.39
CA PRO A 1134 6.60 -24.93 23.57
C PRO A 1134 5.58 -25.49 22.59
N GLY A 1135 5.84 -26.73 22.15
CA GLY A 1135 4.95 -27.45 21.27
C GLY A 1135 3.94 -28.28 22.05
N PHE A 1136 3.37 -29.27 21.36
CA PHE A 1136 2.42 -30.16 22.03
C PHE A 1136 3.15 -31.24 22.83
N MET A 1137 3.97 -32.06 22.15
CA MET A 1137 4.72 -33.10 22.84
C MET A 1137 5.93 -32.53 23.56
N PRO A 1138 6.30 -33.09 24.71
CA PRO A 1138 7.57 -32.74 25.35
C PRO A 1138 8.73 -33.66 25.01
N ALA A 1139 8.51 -34.69 24.20
CA ALA A 1139 9.51 -35.70 23.90
C ALA A 1139 10.00 -35.54 22.46
N TRP A 1140 11.31 -35.74 22.27
CA TRP A 1140 11.89 -35.77 20.93
C TRP A 1140 13.02 -36.79 20.89
N ASP A 1141 13.09 -37.53 19.79
CA ASP A 1141 14.12 -38.55 19.58
C ASP A 1141 14.94 -38.14 18.37
N ILE A 1142 15.99 -37.34 18.62
CA ILE A 1142 16.86 -36.89 17.54
C ILE A 1142 17.75 -38.05 17.12
N VAL A 1143 17.86 -38.29 15.82
CA VAL A 1143 18.63 -39.42 15.32
C VAL A 1143 19.70 -38.95 14.36
N PHE A 1144 20.94 -39.39 14.62
CA PHE A 1144 22.04 -39.30 13.67
C PHE A 1144 21.97 -40.59 12.86
N GLU A 1145 21.38 -40.50 11.67
CA GLU A 1145 21.16 -41.66 10.81
C GLU A 1145 22.47 -42.13 10.19
N LYS A 1146 22.58 -43.45 9.99
CA LYS A 1146 23.72 -44.02 9.28
C LYS A 1146 23.82 -43.42 7.89
N ASN A 1147 24.94 -42.76 7.61
CA ASN A 1147 25.12 -41.99 6.38
C ASN A 1147 25.48 -42.91 5.22
N GLU A 1148 24.51 -43.74 4.85
CA GLU A 1148 24.67 -44.73 3.80
C GLU A 1148 24.03 -44.23 2.52
N THR A 1149 24.11 -45.05 1.48
CA THR A 1149 23.44 -44.74 0.22
C THR A 1149 21.98 -45.17 0.29
N GLN A 1150 21.17 -44.56 -0.57
CA GLN A 1150 19.74 -44.83 -0.62
C GLN A 1150 19.23 -44.51 -2.03
N PHE A 1151 18.06 -45.05 -2.34
CA PHE A 1151 17.46 -44.91 -3.65
C PHE A 1151 16.11 -44.21 -3.52
N ASP A 1152 15.83 -43.32 -4.48
CA ASP A 1152 14.54 -42.65 -4.53
C ASP A 1152 13.55 -43.51 -5.32
N ALA A 1153 12.40 -42.93 -5.67
CA ALA A 1153 11.44 -43.65 -6.49
C ALA A 1153 11.94 -43.83 -7.92
N LYS A 1154 12.76 -42.90 -8.40
CA LYS A 1154 13.29 -42.96 -9.76
C LYS A 1154 14.58 -43.76 -9.87
N GLY A 1155 15.11 -44.26 -8.75
CA GLY A 1155 16.31 -45.06 -8.77
C GLY A 1155 17.61 -44.30 -8.73
N THR A 1156 17.57 -42.97 -8.66
CA THR A 1156 18.80 -42.18 -8.58
C THR A 1156 19.43 -42.32 -7.20
N PRO A 1157 20.68 -42.77 -7.10
CA PRO A 1157 21.31 -42.93 -5.79
C PRO A 1157 21.58 -41.58 -5.13
N PHE A 1158 21.49 -41.57 -3.80
CA PHE A 1158 21.79 -40.39 -3.02
C PHE A 1158 22.21 -40.80 -1.61
N ILE A 1159 23.15 -40.05 -1.04
CA ILE A 1159 23.65 -40.36 0.29
C ILE A 1159 22.61 -39.94 1.32
N ALA A 1160 22.26 -40.85 2.22
CA ALA A 1160 21.21 -40.61 3.19
C ALA A 1160 21.74 -39.79 4.37
N GLY A 1161 21.00 -38.75 4.74
CA GLY A 1161 21.32 -37.98 5.91
C GLY A 1161 22.42 -36.95 5.75
N LYS A 1162 22.95 -36.76 4.55
CA LYS A 1162 24.00 -35.77 4.34
C LYS A 1162 23.44 -34.35 4.50
N ARG A 1163 24.28 -33.46 4.99
CA ARG A 1163 23.90 -32.07 5.23
C ARG A 1163 24.83 -31.14 4.46
N ILE A 1164 24.37 -29.91 4.27
CA ILE A 1164 25.14 -28.88 3.56
C ILE A 1164 25.33 -27.72 4.52
N VAL A 1165 26.59 -27.34 4.73
CA VAL A 1165 26.90 -26.28 5.69
C VAL A 1165 27.84 -25.28 5.03
N PRO A 1166 27.71 -23.98 5.28
CA PRO A 1166 28.69 -23.04 4.75
C PRO A 1166 30.01 -23.12 5.50
N VAL A 1167 31.09 -22.81 4.78
CA VAL A 1167 32.41 -22.70 5.40
C VAL A 1167 32.57 -21.28 5.95
N ILE A 1168 33.24 -21.17 7.08
CA ILE A 1168 33.36 -19.91 7.80
C ILE A 1168 34.83 -19.52 7.89
N GLU A 1169 35.15 -18.31 7.42
CA GLU A 1169 36.50 -17.77 7.47
C GLU A 1169 36.47 -16.42 8.18
N ASN A 1170 37.41 -16.23 9.11
CA ASN A 1170 37.49 -15.02 9.96
C ASN A 1170 36.18 -14.80 10.71
N HIS A 1171 35.60 -15.89 11.22
CA HIS A 1171 34.32 -15.91 11.94
C HIS A 1171 33.16 -15.38 11.10
N ARG A 1172 33.26 -15.49 9.78
CA ARG A 1172 32.22 -15.05 8.87
C ARG A 1172 32.01 -16.07 7.78
N PHE A 1173 30.74 -16.28 7.40
CA PHE A 1173 30.42 -17.13 6.28
C PHE A 1173 30.91 -16.53 4.97
N THR A 1174 31.31 -17.39 4.04
CA THR A 1174 31.89 -16.96 2.78
C THR A 1174 31.07 -17.34 1.57
N GLY A 1175 29.91 -17.97 1.75
CA GLY A 1175 29.04 -18.34 0.66
C GLY A 1175 29.31 -19.72 0.07
N ARG A 1176 30.55 -20.19 0.16
CA ARG A 1176 30.86 -21.53 -0.34
C ARG A 1176 30.28 -22.59 0.59
N TYR A 1177 29.83 -23.69 0.00
CA TYR A 1177 29.12 -24.73 0.73
C TYR A 1177 29.96 -25.99 0.73
N ARG A 1178 29.85 -26.78 1.80
CA ARG A 1178 30.52 -28.06 1.90
C ARG A 1178 29.55 -29.11 2.44
N ASP A 1179 29.84 -30.36 2.10
CA ASP A 1179 29.01 -31.47 2.54
C ASP A 1179 29.49 -32.00 3.87
N LEU A 1180 28.54 -32.46 4.68
CA LEU A 1180 28.81 -32.97 6.01
C LEU A 1180 28.06 -34.28 6.19
N TYR A 1181 28.74 -35.24 6.81
CA TYR A 1181 28.12 -36.53 7.14
C TYR A 1181 28.15 -36.65 8.66
N PRO A 1182 27.02 -36.44 9.34
CA PRO A 1182 27.06 -36.28 10.80
C PRO A 1182 27.45 -37.55 11.54
N ALA A 1183 26.87 -38.69 11.16
CA ALA A 1183 27.17 -39.94 11.83
C ALA A 1183 28.63 -40.34 11.62
N ASN A 1184 29.12 -40.23 10.38
CA ASN A 1184 30.50 -40.63 10.09
C ASN A 1184 31.50 -39.73 10.80
N GLU A 1185 31.23 -38.43 10.84
CA GLU A 1185 32.10 -37.50 11.57
C GLU A 1185 32.09 -37.78 13.06
N LEU A 1186 30.92 -38.11 13.63
CA LEU A 1186 30.87 -38.41 15.05
C LEU A 1186 31.56 -39.73 15.36
N ILE A 1187 31.47 -40.71 14.46
CA ILE A 1187 32.24 -41.94 14.59
C ILE A 1187 33.74 -41.63 14.62
N ALA A 1188 34.18 -40.78 13.69
CA ALA A 1188 35.59 -40.42 13.63
C ALA A 1188 36.05 -39.70 14.89
N LEU A 1189 35.25 -38.75 15.37
CA LEU A 1189 35.56 -38.02 16.59
C LEU A 1189 35.62 -38.94 17.80
N LEU A 1190 34.68 -39.88 17.89
CA LEU A 1190 34.63 -40.74 19.07
C LEU A 1190 35.73 -41.80 19.05
N GLU A 1191 36.14 -42.28 17.85
CA GLU A 1191 37.25 -43.23 17.88
C GLU A 1191 38.57 -42.51 18.10
N GLU A 1192 38.67 -41.25 17.66
CA GLU A 1192 39.88 -40.48 17.94
C GLU A 1192 39.98 -40.15 19.43
N LYS A 1193 38.83 -39.92 20.07
CA LYS A 1193 38.80 -39.78 21.53
C LYS A 1193 38.95 -41.10 22.26
N GLY A 1194 38.84 -42.24 21.57
CA GLY A 1194 38.98 -43.52 22.22
C GLY A 1194 37.80 -43.91 23.10
N ILE A 1195 36.61 -43.38 22.82
CA ILE A 1195 35.43 -43.67 23.62
C ILE A 1195 34.79 -44.95 23.13
N VAL A 1196 34.52 -45.88 24.05
CA VAL A 1196 33.85 -47.13 23.72
C VAL A 1196 32.34 -46.93 23.81
N PHE A 1197 31.64 -47.28 22.73
CA PHE A 1197 30.20 -47.03 22.66
C PHE A 1197 29.40 -48.16 22.00
N ARG A 1198 30.03 -49.27 21.62
CA ARG A 1198 29.33 -50.32 20.91
C ARG A 1198 28.39 -51.12 21.82
N ASP A 1199 28.48 -50.94 23.13
CA ASP A 1199 27.59 -51.61 24.08
C ASP A 1199 26.22 -50.96 24.17
N GLY A 1200 26.01 -49.83 23.51
CA GLY A 1200 24.76 -49.10 23.62
C GLY A 1200 24.64 -48.22 24.85
N SER A 1201 25.75 -47.97 25.54
CA SER A 1201 25.77 -47.16 26.74
C SER A 1201 25.74 -45.67 26.40
N ASN A 1202 25.59 -44.86 27.45
CA ASN A 1202 25.56 -43.41 27.27
C ASN A 1202 26.97 -42.87 26.99
N ILE A 1203 27.05 -41.92 26.07
CA ILE A 1203 28.32 -41.33 25.68
C ILE A 1203 28.46 -39.91 26.23
N LEU A 1204 27.37 -39.25 26.61
CA LEU A 1204 27.45 -37.87 27.08
C LEU A 1204 28.27 -37.72 28.37
N PRO A 1205 28.07 -38.50 29.45
CA PRO A 1205 29.03 -38.44 30.55
C PRO A 1205 30.38 -39.05 30.20
N LYS A 1206 30.44 -39.88 29.16
CA LYS A 1206 31.70 -40.42 28.66
C LYS A 1206 32.50 -39.40 27.88
N LEU A 1207 31.94 -38.22 27.60
CA LEU A 1207 32.69 -37.16 26.91
C LEU A 1207 32.69 -35.82 27.63
N LEU A 1208 31.78 -35.58 28.60
CA LEU A 1208 31.80 -34.28 29.26
C LEU A 1208 32.80 -34.20 30.41
N GLU A 1209 33.37 -35.33 30.84
CA GLU A 1209 34.25 -35.31 32.00
C GLU A 1209 35.61 -34.72 31.68
N ASN A 1210 36.05 -34.80 30.41
CA ASN A 1210 37.34 -34.23 30.02
C ASN A 1210 37.27 -32.72 29.86
N ASP A 1211 36.07 -32.15 29.63
CA ASP A 1211 35.85 -30.72 29.45
C ASP A 1211 36.69 -30.15 28.30
N ASP A 1212 36.81 -30.93 27.23
CA ASP A 1212 37.57 -30.49 26.07
C ASP A 1212 36.76 -29.50 25.26
N SER A 1213 37.37 -28.36 24.93
CA SER A 1213 36.69 -27.35 24.13
C SER A 1213 36.47 -27.84 22.69
N HIS A 1214 37.45 -28.56 22.14
CA HIS A 1214 37.32 -29.04 20.77
C HIS A 1214 36.23 -30.09 20.64
N ALA A 1215 36.11 -30.98 21.63
CA ALA A 1215 35.08 -32.02 21.60
C ALA A 1215 33.68 -31.42 21.68
N ILE A 1216 33.49 -30.48 22.60
CA ILE A 1216 32.17 -29.86 22.73
C ILE A 1216 31.86 -28.97 21.54
N ASP A 1217 32.89 -28.36 20.93
CA ASP A 1217 32.68 -27.56 19.73
C ASP A 1217 32.24 -28.43 18.56
N THR A 1218 32.88 -29.59 18.38
CA THR A 1218 32.47 -30.52 17.33
C THR A 1218 31.09 -31.08 17.61
N MET A 1219 30.76 -31.34 18.88
CA MET A 1219 29.43 -31.84 19.24
C MET A 1219 28.36 -30.81 18.89
N VAL A 1220 28.59 -29.53 19.21
CA VAL A 1220 27.64 -28.48 18.86
C VAL A 1220 27.53 -28.32 17.35
N ALA A 1221 28.66 -28.41 16.63
CA ALA A 1221 28.62 -28.30 15.17
C ALA A 1221 27.81 -29.43 14.55
N LEU A 1222 27.97 -30.65 15.07
CA LEU A 1222 27.16 -31.77 14.57
C LEU A 1222 25.70 -31.64 14.94
N ILE A 1223 25.39 -31.08 16.12
CA ILE A 1223 24.00 -30.84 16.50
C ILE A 1223 23.37 -29.79 15.58
N ARG A 1224 24.11 -28.74 15.26
CA ARG A 1224 23.62 -27.72 14.33
C ARG A 1224 23.41 -28.29 12.93
N SER A 1225 24.32 -29.14 12.48
CA SER A 1225 24.18 -29.78 11.17
C SER A 1225 22.99 -30.73 11.15
N VAL A 1226 22.75 -31.46 12.24
CA VAL A 1226 21.65 -32.41 12.30
C VAL A 1226 20.31 -31.67 12.35
N LEU A 1227 20.23 -30.62 13.16
CA LEU A 1227 19.00 -29.86 13.32
C LEU A 1227 18.69 -28.96 12.12
N GLN A 1228 19.63 -28.80 11.18
CA GLN A 1228 19.39 -28.00 10.00
C GLN A 1228 18.36 -28.69 9.12
N MET A 1229 17.16 -28.12 9.06
CA MET A 1229 16.07 -28.72 8.28
C MET A 1229 16.36 -28.63 6.79
N ARG A 1230 16.46 -27.41 6.27
CA ARG A 1230 16.69 -27.21 4.84
C ARG A 1230 18.16 -27.40 4.49
N ASN A 1231 18.40 -27.98 3.30
CA ASN A 1231 19.75 -28.09 2.76
C ASN A 1231 19.69 -27.72 1.28
N SER A 1232 20.41 -26.68 0.90
CA SER A 1232 20.43 -26.24 -0.49
C SER A 1232 21.85 -25.86 -0.90
N ASN A 1233 22.14 -26.03 -2.18
CA ASN A 1233 23.41 -25.60 -2.75
C ASN A 1233 23.13 -25.27 -4.22
N ALA A 1234 22.97 -23.97 -4.50
CA ALA A 1234 22.64 -23.54 -5.86
C ALA A 1234 23.79 -23.72 -6.84
N ALA A 1235 25.02 -23.88 -6.35
CA ALA A 1235 26.15 -24.12 -7.24
C ALA A 1235 26.08 -25.51 -7.86
N THR A 1236 25.61 -26.50 -7.10
CA THR A 1236 25.50 -27.86 -7.60
C THR A 1236 24.06 -28.29 -7.89
N GLY A 1237 23.07 -27.65 -7.27
CA GLY A 1237 21.68 -27.79 -7.68
C GLY A 1237 20.77 -28.50 -6.70
N GLU A 1238 21.31 -29.32 -5.80
CA GLU A 1238 20.46 -30.12 -4.93
C GLU A 1238 19.82 -29.24 -3.84
N ASP A 1239 18.57 -29.58 -3.51
CA ASP A 1239 17.80 -28.81 -2.53
C ASP A 1239 16.81 -29.80 -1.94
N TYR A 1240 16.81 -29.94 -0.62
CA TYR A 1240 15.96 -30.92 0.05
C TYR A 1240 15.79 -30.51 1.51
N ILE A 1241 15.00 -31.30 2.25
CA ILE A 1241 14.87 -31.16 3.69
C ILE A 1241 15.17 -32.52 4.33
N ASN A 1242 15.47 -32.48 5.63
CA ASN A 1242 15.78 -33.70 6.37
C ASN A 1242 15.32 -33.52 7.81
N SER A 1243 14.28 -34.25 8.19
CA SER A 1243 13.79 -34.22 9.56
C SER A 1243 14.64 -35.15 10.43
N PRO A 1244 15.20 -34.67 11.54
CA PRO A 1244 16.05 -35.53 12.37
C PRO A 1244 15.28 -36.31 13.42
N VAL A 1245 13.97 -36.45 13.25
CA VAL A 1245 13.11 -37.10 14.23
C VAL A 1245 12.39 -38.26 13.58
N ARG A 1246 12.49 -39.44 14.19
CA ARG A 1246 11.71 -40.60 13.75
C ARG A 1246 10.23 -40.35 13.98
N ASP A 1247 9.42 -40.79 13.02
CA ASP A 1247 7.97 -40.60 13.07
C ASP A 1247 7.33 -41.74 13.87
N LEU A 1248 6.00 -41.84 13.78
CA LEU A 1248 5.30 -42.92 14.46
C LEU A 1248 5.59 -44.28 13.85
N ASN A 1249 6.06 -44.33 12.61
CA ASN A 1249 6.43 -45.57 11.95
C ASN A 1249 7.91 -45.90 12.13
N GLY A 1250 8.69 -45.01 12.76
CA GLY A 1250 10.10 -45.25 12.98
C GLY A 1250 11.01 -44.93 11.82
N VAL A 1251 10.47 -44.46 10.69
CA VAL A 1251 11.29 -44.09 9.56
C VAL A 1251 11.79 -42.66 9.78
N CYS A 1252 12.78 -42.24 9.01
CA CYS A 1252 13.23 -40.85 9.00
C CYS A 1252 12.85 -40.25 7.65
N PHE A 1253 12.08 -39.17 7.67
CA PHE A 1253 11.57 -38.61 6.43
C PHE A 1253 12.69 -37.91 5.66
N ASP A 1254 12.79 -38.21 4.37
CA ASP A 1254 13.75 -37.57 3.48
C ASP A 1254 13.00 -37.11 2.24
N SER A 1255 13.10 -35.82 1.93
CA SER A 1255 12.42 -35.28 0.76
C SER A 1255 13.10 -35.64 -0.54
N ARG A 1256 14.30 -36.24 -0.50
CA ARG A 1256 14.94 -36.76 -1.69
C ARG A 1256 14.37 -38.11 -2.12
N PHE A 1257 13.47 -38.70 -1.32
CA PHE A 1257 12.75 -39.88 -1.77
C PHE A 1257 11.80 -39.57 -2.92
N GLN A 1258 11.40 -38.30 -3.07
CA GLN A 1258 10.49 -37.83 -4.13
C GLN A 1258 9.16 -38.59 -4.09
N ASN A 1259 8.65 -38.81 -2.89
CA ASN A 1259 7.35 -39.44 -2.71
C ASN A 1259 6.27 -38.46 -3.14
N PRO A 1260 5.41 -38.81 -4.10
CA PRO A 1260 4.36 -37.86 -4.53
C PRO A 1260 3.32 -37.56 -3.47
N GLU A 1261 3.21 -38.37 -2.42
CA GLU A 1261 2.27 -38.12 -1.34
C GLU A 1261 2.80 -37.14 -0.31
N TRP A 1262 4.01 -36.65 -0.48
CA TRP A 1262 4.66 -35.71 0.44
C TRP A 1262 5.31 -34.61 -0.39
N PRO A 1263 5.61 -33.47 0.21
CA PRO A 1263 6.25 -32.37 -0.53
C PRO A 1263 7.57 -32.78 -1.16
N MET A 1264 7.70 -32.51 -2.46
CA MET A 1264 8.90 -32.80 -3.22
C MET A 1264 10.10 -32.00 -2.73
N ASP A 1265 10.03 -30.69 -2.83
CA ASP A 1265 11.12 -29.79 -2.46
C ASP A 1265 10.77 -29.03 -1.19
N ALA A 1266 11.70 -28.15 -0.80
CA ALA A 1266 11.49 -27.33 0.39
C ALA A 1266 10.44 -26.25 0.16
N ASP A 1267 10.34 -25.77 -1.08
CA ASP A 1267 9.29 -24.80 -1.41
C ASP A 1267 7.92 -25.44 -1.30
N ALA A 1268 7.80 -26.71 -1.71
CA ALA A 1268 6.58 -27.46 -1.49
C ALA A 1268 6.30 -27.62 0.00
N ASN A 1269 7.36 -27.80 0.80
CA ASN A 1269 7.22 -27.91 2.25
C ASN A 1269 6.67 -26.61 2.84
N GLY A 1270 7.12 -25.47 2.31
CA GLY A 1270 6.58 -24.18 2.75
C GLY A 1270 5.15 -23.95 2.35
N ALA A 1271 4.83 -24.24 1.09
CA ALA A 1271 3.48 -24.00 0.58
C ALA A 1271 2.48 -24.95 1.22
N TYR A 1272 2.88 -26.19 1.50
CA TYR A 1272 1.98 -27.16 2.10
C TYR A 1272 1.61 -26.75 3.52
N HIS A 1273 2.57 -26.18 4.26
CA HIS A 1273 2.25 -25.69 5.59
C HIS A 1273 1.48 -24.38 5.57
N ILE A 1274 1.65 -23.56 4.52
CA ILE A 1274 0.77 -22.41 4.34
C ILE A 1274 -0.67 -22.88 4.12
N ALA A 1275 -0.86 -23.90 3.28
CA ALA A 1275 -2.18 -24.47 3.06
C ALA A 1275 -2.72 -25.13 4.33
N LEU A 1276 -1.86 -25.72 5.16
CA LEU A 1276 -2.31 -26.29 6.41
C LEU A 1276 -2.71 -25.21 7.41
N LYS A 1277 -2.04 -24.06 7.38
CA LYS A 1277 -2.48 -22.91 8.16
C LYS A 1277 -3.87 -22.44 7.72
N GLY A 1278 -4.09 -22.43 6.41
CA GLY A 1278 -5.43 -22.14 5.90
C GLY A 1278 -6.47 -23.16 6.35
N GLN A 1279 -6.08 -24.43 6.39
CA GLN A 1279 -6.95 -25.48 6.90
C GLN A 1279 -7.28 -25.25 8.38
N LEU A 1280 -6.29 -24.80 9.16
CA LEU A 1280 -6.51 -24.47 10.56
C LEU A 1280 -7.49 -23.31 10.71
N LEU A 1281 -7.35 -22.29 9.85
CA LEU A 1281 -8.30 -21.18 9.85
C LEU A 1281 -9.70 -21.66 9.49
N LEU A 1282 -9.80 -22.59 8.55
CA LEU A 1282 -11.08 -23.19 8.21
C LEU A 1282 -11.70 -23.92 9.40
N ASN A 1283 -10.90 -24.72 10.11
CA ASN A 1283 -11.44 -25.41 11.28
C ASN A 1283 -11.84 -24.42 12.37
N HIS A 1284 -11.09 -23.33 12.51
CA HIS A 1284 -11.46 -22.27 13.44
C HIS A 1284 -12.80 -21.65 13.07
N LEU A 1285 -13.09 -21.56 11.77
CA LEU A 1285 -14.44 -21.21 11.35
C LEU A 1285 -15.44 -22.29 11.77
N LYS A 1286 -15.07 -23.57 11.67
CA LYS A 1286 -16.04 -24.64 11.91
C LYS A 1286 -16.47 -24.73 13.37
N GLU A 1287 -15.54 -24.59 14.33
CA GLU A 1287 -15.99 -24.77 15.71
C GLU A 1287 -16.81 -23.57 16.19
N SER A 1288 -16.52 -22.38 15.65
CA SER A 1288 -17.21 -21.16 16.06
C SER A 1288 -18.67 -21.18 15.62
N LYS A 1289 -19.55 -20.75 16.52
CA LYS A 1289 -20.97 -20.65 16.19
C LYS A 1289 -21.23 -19.46 15.25
N ASP A 1290 -20.63 -18.32 15.56
CA ASP A 1290 -20.73 -17.16 14.70
C ASP A 1290 -19.95 -17.37 13.42
N LEU A 1291 -20.42 -16.76 12.34
CA LEU A 1291 -19.87 -17.00 11.01
C LEU A 1291 -18.75 -16.01 10.73
N LYS A 1292 -17.69 -16.14 11.53
CA LYS A 1292 -16.56 -15.23 11.46
C LYS A 1292 -15.30 -15.99 11.85
N LEU A 1293 -14.20 -15.68 11.17
CA LEU A 1293 -12.91 -16.30 11.49
C LEU A 1293 -12.37 -15.80 12.82
N GLN A 1294 -11.31 -16.46 13.26
CA GLN A 1294 -10.43 -15.90 14.27
C GLN A 1294 -9.43 -14.96 13.59
N ASN A 1295 -8.70 -14.20 14.41
CA ASN A 1295 -7.67 -13.33 13.88
C ASN A 1295 -6.39 -14.12 13.60
N GLY A 1296 -5.29 -13.41 13.34
CA GLY A 1296 -4.02 -14.03 13.01
C GLY A 1296 -3.53 -15.01 14.06
N ILE A 1297 -3.24 -16.24 13.63
CA ILE A 1297 -2.99 -17.34 14.56
C ILE A 1297 -1.62 -17.17 15.18
N SER A 1298 -1.56 -17.31 16.50
CA SER A 1298 -0.28 -17.30 17.19
C SER A 1298 0.51 -18.55 16.84
N ASN A 1299 1.84 -18.41 16.86
CA ASN A 1299 2.71 -19.50 16.42
C ASN A 1299 2.66 -20.70 17.37
N GLN A 1300 2.46 -20.45 18.66
CA GLN A 1300 2.36 -21.55 19.63
C GLN A 1300 1.12 -22.39 19.33
N ASP A 1301 0.01 -21.74 18.97
CA ASP A 1301 -1.19 -22.47 18.59
C ASP A 1301 -0.96 -23.29 17.32
N TRP A 1302 -0.24 -22.74 16.35
CA TRP A 1302 0.02 -23.45 15.09
C TRP A 1302 0.88 -24.68 15.33
N LEU A 1303 1.93 -24.54 16.14
CA LEU A 1303 2.78 -25.68 16.47
C LEU A 1303 2.01 -26.73 17.27
N ALA A 1304 1.18 -26.29 18.22
CA ALA A 1304 0.39 -27.23 19.01
C ALA A 1304 -0.62 -27.98 18.15
N TYR A 1305 -1.28 -27.27 17.24
CA TYR A 1305 -2.24 -27.90 16.34
C TYR A 1305 -1.57 -28.91 15.42
N ILE A 1306 -0.40 -28.56 14.88
CA ILE A 1306 0.29 -29.46 13.95
C ILE A 1306 0.81 -30.69 14.69
N GLN A 1307 1.44 -30.50 15.85
CA GLN A 1307 1.97 -31.63 16.60
C GLN A 1307 0.88 -32.43 17.30
N GLU A 1308 -0.34 -31.90 17.41
CA GLU A 1308 -1.45 -32.69 17.93
C GLU A 1308 -2.12 -33.50 16.82
N LEU A 1309 -2.30 -32.90 15.64
CA LEU A 1309 -2.98 -33.61 14.56
C LEU A 1309 -2.11 -34.71 13.97
N ARG A 1310 -0.82 -34.45 13.77
CA ARG A 1310 0.04 -35.38 13.06
C ARG A 1310 0.60 -36.48 13.96
N ASN A 1311 0.40 -36.40 15.26
CA ASN A 1311 0.86 -37.45 16.17
C ASN A 1311 -0.28 -37.98 17.04
#